data_2ZQE
# 
_entry.id   2ZQE 
# 
_audit_conform.dict_name       mmcif_pdbx.dic 
_audit_conform.dict_version    5.380 
_audit_conform.dict_location   http://mmcif.pdb.org/dictionaries/ascii/mmcif_pdbx.dic 
# 
loop_
_database_2.database_id 
_database_2.database_code 
_database_2.pdbx_database_accession 
_database_2.pdbx_DOI 
PDB   2ZQE         pdb_00002zqe 10.2210/pdb2zqe/pdb 
RCSB  RCSB028294   ?            ?                   
WWPDB D_1000028294 ?            ?                   
# 
_pdbx_database_status.status_code                     REL 
_pdbx_database_status.entry_id                        2ZQE 
_pdbx_database_status.recvd_initial_deposition_date   2008-08-08 
_pdbx_database_status.deposit_site                    PDBJ 
_pdbx_database_status.process_site                    PDBJ 
_pdbx_database_status.status_code_sf                  REL 
_pdbx_database_status.status_code_mr                  ? 
_pdbx_database_status.SG_entry                        ? 
_pdbx_database_status.pdb_format_compatible           Y 
_pdbx_database_status.status_code_cs                  ? 
_pdbx_database_status.status_code_nmr_data            ? 
_pdbx_database_status.methods_development_category    ? 
# 
loop_
_audit_author.name 
_audit_author.pdbx_ordinal 
'Fukui, K.'     1 
'Kitamura, Y.'  2 
'Nakagawa, N.'  3 
'Masui, R.'     4 
'Kuramitsu, S.' 5 
# 
_citation.id                        primary 
_citation.title                     
'Crystal structure of MutS2 endonuclease domain and the mechanism of homologous recombination suppression' 
_citation.journal_abbrev            J.Biol.Chem. 
_citation.journal_volume            283 
_citation.page_first                33417 
_citation.page_last                 33427 
_citation.year                      2008 
_citation.journal_id_ASTM           JBCHA3 
_citation.country                   US 
_citation.journal_id_ISSN           0021-9258 
_citation.journal_id_CSD            0071 
_citation.book_publisher            ? 
_citation.pdbx_database_id_PubMed   18838375 
_citation.pdbx_database_id_DOI      10.1074/jbc.M806755200 
# 
loop_
_citation_author.citation_id 
_citation_author.name 
_citation_author.ordinal 
_citation_author.identifier_ORCID 
primary 'Fukui, K.'     1 ? 
primary 'Nakagawa, N.'  2 ? 
primary 'Kitamura, Y.'  3 ? 
primary 'Nishida, Y.'   4 ? 
primary 'Masui, R.'     5 ? 
primary 'Kuramitsu, S.' 6 ? 
# 
_cell.entry_id           2ZQE 
_cell.length_a           48.813 
_cell.length_b           54.216 
_cell.length_c           30.243 
_cell.angle_alpha        90.00 
_cell.angle_beta         90.00 
_cell.angle_gamma        90.00 
_cell.Z_PDB              4 
_cell.pdbx_unique_axis   ? 
_cell.length_a_esd       ? 
_cell.length_b_esd       ? 
_cell.length_c_esd       ? 
_cell.angle_alpha_esd    ? 
_cell.angle_beta_esd     ? 
_cell.angle_gamma_esd    ? 
# 
_symmetry.entry_id                         2ZQE 
_symmetry.space_group_name_H-M             'P 21 21 2' 
_symmetry.pdbx_full_space_group_name_H-M   ? 
_symmetry.cell_setting                     ? 
_symmetry.Int_Tables_number                18 
_symmetry.space_group_name_Hall            ? 
# 
loop_
_entity.id 
_entity.type 
_entity.src_method 
_entity.pdbx_description 
_entity.formula_weight 
_entity.pdbx_number_of_molecules 
_entity.pdbx_ec 
_entity.pdbx_mutation 
_entity.pdbx_fragment 
_entity.details 
1 polymer man 'MutS2 protein' 8953.281 1   ? ? 'UNP Residue 663-744' ? 
2 water   nat water           18.015   104 ? ? ?                     ? 
# 
_entity_poly.entity_id                      1 
_entity_poly.type                           'polypeptide(L)' 
_entity_poly.nstd_linkage                   no 
_entity_poly.nstd_monomer                   no 
_entity_poly.pdbx_seq_one_letter_code       
;MREVKEVDLRGLTVAEALLEVDQALEEARALGLSTLRLLHGKGTGALRQAIREALRRDKRVESFADAPPGEGGHGVTVVA
LRP
;
_entity_poly.pdbx_seq_one_letter_code_can   
;MREVKEVDLRGLTVAEALLEVDQALEEARALGLSTLRLLHGKGTGALRQAIREALRRDKRVESFADAPPGEGGHGVTVVA
LRP
;
_entity_poly.pdbx_strand_id                 A 
_entity_poly.pdbx_target_identifier         ? 
# 
loop_
_entity_poly_seq.entity_id 
_entity_poly_seq.num 
_entity_poly_seq.mon_id 
_entity_poly_seq.hetero 
1 1  MET n 
1 2  ARG n 
1 3  GLU n 
1 4  VAL n 
1 5  LYS n 
1 6  GLU n 
1 7  VAL n 
1 8  ASP n 
1 9  LEU n 
1 10 ARG n 
1 11 GLY n 
1 12 LEU n 
1 13 THR n 
1 14 VAL n 
1 15 ALA n 
1 16 GLU n 
1 17 ALA n 
1 18 LEU n 
1 19 LEU n 
1 20 GLU n 
1 21 VAL n 
1 22 ASP n 
1 23 GLN n 
1 24 ALA n 
1 25 LEU n 
1 26 GLU n 
1 27 GLU n 
1 28 ALA n 
1 29 ARG n 
1 30 ALA n 
1 31 LEU n 
1 32 GLY n 
1 33 LEU n 
1 34 SER n 
1 35 THR n 
1 36 LEU n 
1 37 ARG n 
1 38 LEU n 
1 39 LEU n 
1 40 HIS n 
1 41 GLY n 
1 42 LYS n 
1 43 GLY n 
1 44 THR n 
1 45 GLY n 
1 46 ALA n 
1 47 LEU n 
1 48 ARG n 
1 49 GLN n 
1 50 ALA n 
1 51 ILE n 
1 52 ARG n 
1 53 GLU n 
1 54 ALA n 
1 55 LEU n 
1 56 ARG n 
1 57 ARG n 
1 58 ASP n 
1 59 LYS n 
1 60 ARG n 
1 61 VAL n 
1 62 GLU n 
1 63 SER n 
1 64 PHE n 
1 65 ALA n 
1 66 ASP n 
1 67 ALA n 
1 68 PRO n 
1 69 PRO n 
1 70 GLY n 
1 71 GLU n 
1 72 GLY n 
1 73 GLY n 
1 74 HIS n 
1 75 GLY n 
1 76 VAL n 
1 77 THR n 
1 78 VAL n 
1 79 VAL n 
1 80 ALA n 
1 81 LEU n 
1 82 ARG n 
1 83 PRO n 
# 
_entity_src_gen.entity_id                          1 
_entity_src_gen.pdbx_src_id                        1 
_entity_src_gen.pdbx_alt_source_flag               sample 
_entity_src_gen.pdbx_seq_type                      ? 
_entity_src_gen.pdbx_beg_seq_num                   ? 
_entity_src_gen.pdbx_end_seq_num                   ? 
_entity_src_gen.gene_src_common_name               ? 
_entity_src_gen.gene_src_genus                     ? 
_entity_src_gen.pdbx_gene_src_gene                 TTHA1645 
_entity_src_gen.gene_src_species                   ? 
_entity_src_gen.gene_src_strain                    HB8 
_entity_src_gen.gene_src_tissue                    ? 
_entity_src_gen.gene_src_tissue_fraction           ? 
_entity_src_gen.gene_src_details                   ? 
_entity_src_gen.pdbx_gene_src_fragment             ? 
_entity_src_gen.pdbx_gene_src_scientific_name      'Thermus thermophilus' 
_entity_src_gen.pdbx_gene_src_ncbi_taxonomy_id     300852 
_entity_src_gen.pdbx_gene_src_variant              ? 
_entity_src_gen.pdbx_gene_src_cell_line            ? 
_entity_src_gen.pdbx_gene_src_atcc                 ? 
_entity_src_gen.pdbx_gene_src_organ                ? 
_entity_src_gen.pdbx_gene_src_organelle            ? 
_entity_src_gen.pdbx_gene_src_cell                 ? 
_entity_src_gen.pdbx_gene_src_cellular_location    ? 
_entity_src_gen.host_org_common_name               ? 
_entity_src_gen.pdbx_host_org_scientific_name      'Escherichia coli' 
_entity_src_gen.pdbx_host_org_ncbi_taxonomy_id     562 
_entity_src_gen.host_org_genus                     ? 
_entity_src_gen.pdbx_host_org_gene                 ? 
_entity_src_gen.pdbx_host_org_organ                ? 
_entity_src_gen.host_org_species                   ? 
_entity_src_gen.pdbx_host_org_tissue               ? 
_entity_src_gen.pdbx_host_org_tissue_fraction      ? 
_entity_src_gen.pdbx_host_org_strain               'BL21(DE3)' 
_entity_src_gen.pdbx_host_org_variant              ? 
_entity_src_gen.pdbx_host_org_cell_line            ? 
_entity_src_gen.pdbx_host_org_atcc                 ? 
_entity_src_gen.pdbx_host_org_culture_collection   ? 
_entity_src_gen.pdbx_host_org_cell                 ? 
_entity_src_gen.pdbx_host_org_organelle            ? 
_entity_src_gen.pdbx_host_org_cellular_location    ? 
_entity_src_gen.pdbx_host_org_vector_type          plasmid 
_entity_src_gen.pdbx_host_org_vector               ? 
_entity_src_gen.host_org_details                   ? 
_entity_src_gen.expression_system_id               ? 
_entity_src_gen.plasmid_name                       pET-11a 
_entity_src_gen.plasmid_details                    ? 
_entity_src_gen.pdbx_description                   ? 
# 
_struct_ref.id                         1 
_struct_ref.db_name                    UNP 
_struct_ref.db_code                    Q5SHT5_THET8 
_struct_ref.pdbx_db_accession          Q5SHT5 
_struct_ref.entity_id                  1 
_struct_ref.pdbx_seq_one_letter_code   
;REVKEVDLRGLTVAEALLEVDQALEEARALGLSTLRLLHGKGTGALRQAIREALRRDKRVESFADAPPGEGGHGVTVVAL
RP
;
_struct_ref.pdbx_align_begin           663 
_struct_ref.pdbx_db_isoform            ? 
# 
_struct_ref_seq.align_id                      1 
_struct_ref_seq.ref_id                        1 
_struct_ref_seq.pdbx_PDB_id_code              2ZQE 
_struct_ref_seq.pdbx_strand_id                A 
_struct_ref_seq.seq_align_beg                 2 
_struct_ref_seq.pdbx_seq_align_beg_ins_code   ? 
_struct_ref_seq.seq_align_end                 83 
_struct_ref_seq.pdbx_seq_align_end_ins_code   ? 
_struct_ref_seq.pdbx_db_accession             Q5SHT5 
_struct_ref_seq.db_align_beg                  663 
_struct_ref_seq.pdbx_db_align_beg_ins_code    ? 
_struct_ref_seq.db_align_end                  744 
_struct_ref_seq.pdbx_db_align_end_ins_code    ? 
_struct_ref_seq.pdbx_auth_seq_align_beg       1 
_struct_ref_seq.pdbx_auth_seq_align_end       82 
# 
_struct_ref_seq_dif.align_id                     1 
_struct_ref_seq_dif.pdbx_pdb_id_code             2ZQE 
_struct_ref_seq_dif.mon_id                       MET 
_struct_ref_seq_dif.pdbx_pdb_strand_id           A 
_struct_ref_seq_dif.seq_num                      1 
_struct_ref_seq_dif.pdbx_pdb_ins_code            ? 
_struct_ref_seq_dif.pdbx_seq_db_name             UNP 
_struct_ref_seq_dif.pdbx_seq_db_accession_code   Q5SHT5 
_struct_ref_seq_dif.db_mon_id                    ? 
_struct_ref_seq_dif.pdbx_seq_db_seq_num          ? 
_struct_ref_seq_dif.details                      'expression tag' 
_struct_ref_seq_dif.pdbx_auth_seq_num            0 
_struct_ref_seq_dif.pdbx_ordinal                 1 
# 
loop_
_chem_comp.id 
_chem_comp.type 
_chem_comp.mon_nstd_flag 
_chem_comp.name 
_chem_comp.pdbx_synonyms 
_chem_comp.formula 
_chem_comp.formula_weight 
ALA 'L-peptide linking' y ALANINE         ? 'C3 H7 N O2'     89.093  
ARG 'L-peptide linking' y ARGININE        ? 'C6 H15 N4 O2 1' 175.209 
ASP 'L-peptide linking' y 'ASPARTIC ACID' ? 'C4 H7 N O4'     133.103 
GLN 'L-peptide linking' y GLUTAMINE       ? 'C5 H10 N2 O3'   146.144 
GLU 'L-peptide linking' y 'GLUTAMIC ACID' ? 'C5 H9 N O4'     147.129 
GLY 'peptide linking'   y GLYCINE         ? 'C2 H5 N O2'     75.067  
HIS 'L-peptide linking' y HISTIDINE       ? 'C6 H10 N3 O2 1' 156.162 
HOH non-polymer         . WATER           ? 'H2 O'           18.015  
ILE 'L-peptide linking' y ISOLEUCINE      ? 'C6 H13 N O2'    131.173 
LEU 'L-peptide linking' y LEUCINE         ? 'C6 H13 N O2'    131.173 
LYS 'L-peptide linking' y LYSINE          ? 'C6 H15 N2 O2 1' 147.195 
MET 'L-peptide linking' y METHIONINE      ? 'C5 H11 N O2 S'  149.211 
PHE 'L-peptide linking' y PHENYLALANINE   ? 'C9 H11 N O2'    165.189 
PRO 'L-peptide linking' y PROLINE         ? 'C5 H9 N O2'     115.130 
SER 'L-peptide linking' y SERINE          ? 'C3 H7 N O3'     105.093 
THR 'L-peptide linking' y THREONINE       ? 'C4 H9 N O3'     119.119 
VAL 'L-peptide linking' y VALINE          ? 'C5 H11 N O2'    117.146 
# 
_exptl.entry_id          2ZQE 
_exptl.method            'X-RAY DIFFRACTION' 
_exptl.crystals_number   1 
# 
_exptl_crystal.id                    1 
_exptl_crystal.density_meas          ? 
_exptl_crystal.density_Matthews      2.23 
_exptl_crystal.density_percent_sol   44.96 
_exptl_crystal.description           ? 
_exptl_crystal.F_000                 ? 
_exptl_crystal.preparation           ? 
# 
_exptl_crystal_grow.crystal_id      1 
_exptl_crystal_grow.method          'VAPOR DIFFUSION, HANGING DROP' 
_exptl_crystal_grow.temp            293 
_exptl_crystal_grow.temp_details    ? 
_exptl_crystal_grow.pH              3.5 
_exptl_crystal_grow.pdbx_details    '0.1M Citric acid, 25% PEG 3350, pH 3.5, VAPOR DIFFUSION, HANGING DROP, temperature 293K' 
_exptl_crystal_grow.pdbx_pH_range   . 
# 
_diffrn.id                     1 
_diffrn.ambient_temp           100 
_diffrn.ambient_temp_details   ? 
_diffrn.crystal_id             1 
# 
_diffrn_detector.diffrn_id              1 
_diffrn_detector.detector               CCD 
_diffrn_detector.type                   'RIGAKU JUPITER 210' 
_diffrn_detector.pdbx_collection_date   2008-04-11 
_diffrn_detector.details                ? 
# 
_diffrn_radiation.diffrn_id                        1 
_diffrn_radiation.wavelength_id                    1 
_diffrn_radiation.pdbx_monochromatic_or_laue_m_l   M 
_diffrn_radiation.monochromator                    'transparent diamond double-crystal' 
_diffrn_radiation.pdbx_diffrn_protocol             'SINGLE WAVELENGTH' 
_diffrn_radiation.pdbx_scattering_type             x-ray 
# 
_diffrn_radiation_wavelength.id           1 
_diffrn_radiation_wavelength.wavelength   1.0000 
_diffrn_radiation_wavelength.wt           1.0 
# 
_diffrn_source.diffrn_id                   1 
_diffrn_source.source                      SYNCHROTRON 
_diffrn_source.type                        'SPRING-8 BEAMLINE BL26B2' 
_diffrn_source.pdbx_synchrotron_site       SPring-8 
_diffrn_source.pdbx_synchrotron_beamline   BL26B2 
_diffrn_source.pdbx_wavelength             ? 
_diffrn_source.pdbx_wavelength_list        1.0000 
# 
_reflns.entry_id                     2ZQE 
_reflns.observed_criterion_sigma_F   ? 
_reflns.observed_criterion_sigma_I   ? 
_reflns.d_resolution_high            1.7 
_reflns.d_resolution_low             50 
_reflns.number_all                   ? 
_reflns.number_obs                   9284 
_reflns.percent_possible_obs         99.8 
_reflns.pdbx_Rmerge_I_obs            0.047 
_reflns.pdbx_Rsym_value              ? 
_reflns.pdbx_netI_over_sigmaI        36.4 
_reflns.B_iso_Wilson_estimate        11.8 
_reflns.pdbx_redundancy              6.3 
_reflns.R_free_details               ? 
_reflns.limit_h_max                  ? 
_reflns.limit_h_min                  ? 
_reflns.limit_k_max                  ? 
_reflns.limit_k_min                  ? 
_reflns.limit_l_max                  ? 
_reflns.limit_l_min                  ? 
_reflns.observed_criterion_F_max     ? 
_reflns.observed_criterion_F_min     ? 
_reflns.pdbx_chi_squared             ? 
_reflns.pdbx_scaling_rejects         ? 
_reflns.pdbx_ordinal                 1 
_reflns.pdbx_diffrn_id               1 
# 
_reflns_shell.d_res_high             1.7 
_reflns_shell.d_res_low              1.76 
_reflns_shell.percent_possible_all   99.8 
_reflns_shell.Rmerge_I_obs           0.137 
_reflns_shell.pdbx_Rsym_value        ? 
_reflns_shell.meanI_over_sigI_obs    13.1 
_reflns_shell.pdbx_redundancy        6.3 
_reflns_shell.percent_possible_obs   ? 
_reflns_shell.number_unique_all      58499 
_reflns_shell.number_measured_all    ? 
_reflns_shell.number_measured_obs    ? 
_reflns_shell.number_unique_obs      ? 
_reflns_shell.pdbx_chi_squared       ? 
_reflns_shell.pdbx_ordinal           1 
_reflns_shell.pdbx_diffrn_id         1 
# 
_refine.entry_id                                 2ZQE 
_refine.ls_number_reflns_obs                     8597 
_refine.ls_number_reflns_all                     ? 
_refine.pdbx_ls_sigma_I                          ? 
_refine.pdbx_ls_sigma_F                          ? 
_refine.pdbx_data_cutoff_high_absF               ? 
_refine.pdbx_data_cutoff_low_absF                ? 
_refine.pdbx_data_cutoff_high_rms_absF           ? 
_refine.ls_d_res_low                             7.90 
_refine.ls_d_res_high                            1.70 
_refine.ls_percent_reflns_obs                    100.00 
_refine.ls_R_factor_obs                          0.19074 
_refine.ls_R_factor_all                          ? 
_refine.ls_R_factor_R_work                       0.18876 
_refine.ls_R_factor_R_free                       0.22699 
_refine.ls_R_factor_R_free_error                 ? 
_refine.ls_R_factor_R_free_error_details         ? 
_refine.ls_percent_reflns_R_free                 4.9 
_refine.ls_number_reflns_R_free                  443 
_refine.ls_number_parameters                     ? 
_refine.ls_number_restraints                     ? 
_refine.occupancy_min                            ? 
_refine.occupancy_max                            ? 
_refine.correlation_coeff_Fo_to_Fc               0.939 
_refine.correlation_coeff_Fo_to_Fc_free          0.934 
_refine.B_iso_mean                               11.168 
_refine.aniso_B[1][1]                            0.00 
_refine.aniso_B[2][2]                            0.04 
_refine.aniso_B[3][3]                            -0.03 
_refine.aniso_B[1][2]                            0.00 
_refine.aniso_B[1][3]                            0.00 
_refine.aniso_B[2][3]                            0.00 
_refine.solvent_model_details                    MASK 
_refine.solvent_model_param_ksol                 ? 
_refine.solvent_model_param_bsol                 ? 
_refine.pdbx_solvent_vdw_probe_radii             1.20 
_refine.pdbx_solvent_ion_probe_radii             0.80 
_refine.pdbx_solvent_shrinkage_radii             0.80 
_refine.pdbx_ls_cross_valid_method               THROUGHOUT 
_refine.details                                  'HYDROGENS HAVE BEEN ADDED IN THE RIDING POSITIONS' 
_refine.pdbx_starting_model                      'PDB ENTRY 2d9i' 
_refine.pdbx_method_to_determine_struct          'MOLECULAR REPLACEMENT' 
_refine.pdbx_isotropic_thermal_model             ? 
_refine.pdbx_stereochemistry_target_values       'MAXIMUM LIKELIHOOD' 
_refine.pdbx_stereochem_target_val_spec_case     ? 
_refine.pdbx_R_Free_selection_details            RANDOM 
_refine.pdbx_overall_ESU_R                       0.114 
_refine.pdbx_overall_ESU_R_Free                  0.112 
_refine.overall_SU_ML                            0.066 
_refine.overall_SU_B                             1.899 
_refine.ls_redundancy_reflns_obs                 ? 
_refine.B_iso_min                                ? 
_refine.B_iso_max                                ? 
_refine.overall_SU_R_Cruickshank_DPI             ? 
_refine.overall_SU_R_free                        ? 
_refine.ls_wR_factor_R_free                      ? 
_refine.ls_wR_factor_R_work                      ? 
_refine.overall_FOM_free_R_set                   ? 
_refine.overall_FOM_work_R_set                   ? 
_refine.pdbx_overall_phase_error                 ? 
_refine.pdbx_refine_id                           'X-RAY DIFFRACTION' 
_refine.pdbx_diffrn_id                           1 
_refine.pdbx_TLS_residual_ADP_flag               ? 
_refine.pdbx_overall_SU_R_free_Cruickshank_DPI   ? 
_refine.pdbx_overall_SU_R_Blow_DPI               ? 
_refine.pdbx_overall_SU_R_free_Blow_DPI          ? 
# 
_refine_hist.pdbx_refine_id                   'X-RAY DIFFRACTION' 
_refine_hist.cycle_id                         LAST 
_refine_hist.pdbx_number_atoms_protein        599 
_refine_hist.pdbx_number_atoms_nucleic_acid   0 
_refine_hist.pdbx_number_atoms_ligand         0 
_refine_hist.number_atoms_solvent             104 
_refine_hist.number_atoms_total               703 
_refine_hist.d_res_high                       1.70 
_refine_hist.d_res_low                        7.90 
# 
loop_
_refine_ls_restr.type 
_refine_ls_restr.dev_ideal 
_refine_ls_restr.dev_ideal_target 
_refine_ls_restr.weight 
_refine_ls_restr.number 
_refine_ls_restr.pdbx_refine_id 
_refine_ls_restr.pdbx_restraint_function 
r_bond_refined_d         0.009  0.021  ? 604 'X-RAY DIFFRACTION' ? 
r_angle_refined_deg      1.066  2.005  ? 814 'X-RAY DIFFRACTION' ? 
r_dihedral_angle_1_deg   4.900  5.000  ? 79  'X-RAY DIFFRACTION' ? 
r_dihedral_angle_2_deg   36.456 21.923 ? 26  'X-RAY DIFFRACTION' ? 
r_dihedral_angle_3_deg   11.440 15.000 ? 108 'X-RAY DIFFRACTION' ? 
r_dihedral_angle_4_deg   7.149  15.000 ? 9   'X-RAY DIFFRACTION' ? 
r_chiral_restr           0.066  0.200  ? 97  'X-RAY DIFFRACTION' ? 
r_gen_planes_refined     0.005  0.020  ? 448 'X-RAY DIFFRACTION' ? 
r_nbd_refined            0.198  0.200  ? 260 'X-RAY DIFFRACTION' ? 
r_nbtor_refined          0.302  0.200  ? 411 'X-RAY DIFFRACTION' ? 
r_xyhbond_nbd_refined    0.147  0.200  ? 74  'X-RAY DIFFRACTION' ? 
r_symmetry_vdw_refined   0.116  0.200  ? 36  'X-RAY DIFFRACTION' ? 
r_symmetry_hbond_refined 0.172  0.200  ? 11  'X-RAY DIFFRACTION' ? 
r_mcbond_it              0.676  1.500  ? 399 'X-RAY DIFFRACTION' ? 
r_mcangle_it             1.204  2.000  ? 621 'X-RAY DIFFRACTION' ? 
r_scbond_it              2.296  3.000  ? 212 'X-RAY DIFFRACTION' ? 
r_scangle_it             3.982  4.500  ? 193 'X-RAY DIFFRACTION' ? 
# 
_refine_ls_shell.pdbx_total_number_of_bins_used   20 
_refine_ls_shell.d_res_high                       1.702 
_refine_ls_shell.d_res_low                        1.744 
_refine_ls_shell.number_reflns_R_work             597 
_refine_ls_shell.R_factor_R_work                  0.19 
_refine_ls_shell.percent_reflns_obs               100.00 
_refine_ls_shell.R_factor_R_free                  0.291 
_refine_ls_shell.R_factor_R_free_error            ? 
_refine_ls_shell.percent_reflns_R_free            ? 
_refine_ls_shell.number_reflns_R_free             24 
_refine_ls_shell.number_reflns_all                ? 
_refine_ls_shell.R_factor_all                     ? 
_refine_ls_shell.number_reflns_obs                ? 
_refine_ls_shell.redundancy_reflns_obs            ? 
_refine_ls_shell.pdbx_refine_id                   'X-RAY DIFFRACTION' 
# 
_struct.entry_id                  2ZQE 
_struct.title                     'Crystal structure of the Smr domain of Thermus thermophilus MutS2' 
_struct.pdbx_model_details        ? 
_struct.pdbx_CASP_flag            ? 
_struct.pdbx_model_type_details   ? 
# 
_struct_keywords.entry_id        2ZQE 
_struct_keywords.pdbx_keywords   'DNA BINDING PROTEIN' 
_struct_keywords.text            'alpha/beta, ATP-binding, DNA-binding, Nucleotide-binding, DNA BINDING PROTEIN' 
# 
loop_
_struct_asym.id 
_struct_asym.pdbx_blank_PDB_chainid_flag 
_struct_asym.pdbx_modified 
_struct_asym.entity_id 
_struct_asym.details 
A N N 1 ? 
B N N 2 ? 
# 
_struct_biol.id        1 
_struct_biol.details   ? 
# 
loop_
_struct_conf.conf_type_id 
_struct_conf.id 
_struct_conf.pdbx_PDB_helix_id 
_struct_conf.beg_label_comp_id 
_struct_conf.beg_label_asym_id 
_struct_conf.beg_label_seq_id 
_struct_conf.pdbx_beg_PDB_ins_code 
_struct_conf.end_label_comp_id 
_struct_conf.end_label_asym_id 
_struct_conf.end_label_seq_id 
_struct_conf.pdbx_end_PDB_ins_code 
_struct_conf.beg_auth_comp_id 
_struct_conf.beg_auth_asym_id 
_struct_conf.beg_auth_seq_id 
_struct_conf.end_auth_comp_id 
_struct_conf.end_auth_asym_id 
_struct_conf.end_auth_seq_id 
_struct_conf.pdbx_PDB_helix_class 
_struct_conf.details 
_struct_conf.pdbx_PDB_helix_length 
HELX_P HELX_P1 1 THR A 13 ? LEU A 31 ? THR A 12 LEU A 30 1 ? 19 
HELX_P HELX_P2 2 GLY A 45 ? ASP A 58 ? GLY A 44 ASP A 57 1 ? 14 
HELX_P HELX_P3 3 GLY A 72 ? HIS A 74 ? GLY A 71 HIS A 73 5 ? 3  
# 
_struct_conf_type.id          HELX_P 
_struct_conf_type.criteria    ? 
_struct_conf_type.reference   ? 
# 
_struct_sheet.id               A 
_struct_sheet.type             ? 
_struct_sheet.number_strands   4 
_struct_sheet.details          ? 
# 
loop_
_struct_sheet_order.sheet_id 
_struct_sheet_order.range_id_1 
_struct_sheet_order.range_id_2 
_struct_sheet_order.offset 
_struct_sheet_order.sense 
A 1 2 ? parallel      
A 2 3 ? anti-parallel 
A 3 4 ? anti-parallel 
# 
loop_
_struct_sheet_range.sheet_id 
_struct_sheet_range.id 
_struct_sheet_range.beg_label_comp_id 
_struct_sheet_range.beg_label_asym_id 
_struct_sheet_range.beg_label_seq_id 
_struct_sheet_range.pdbx_beg_PDB_ins_code 
_struct_sheet_range.end_label_comp_id 
_struct_sheet_range.end_label_asym_id 
_struct_sheet_range.end_label_seq_id 
_struct_sheet_range.pdbx_end_PDB_ins_code 
_struct_sheet_range.beg_auth_comp_id 
_struct_sheet_range.beg_auth_asym_id 
_struct_sheet_range.beg_auth_seq_id 
_struct_sheet_range.end_auth_comp_id 
_struct_sheet_range.end_auth_asym_id 
_struct_sheet_range.end_auth_seq_id 
A 1 GLU A 6  ? ASP A 8  ? GLU A 5  ASP A 7  
A 2 THR A 35 ? LEU A 39 ? THR A 34 LEU A 38 
A 3 VAL A 76 ? LEU A 81 ? VAL A 75 LEU A 80 
A 4 VAL A 61 ? ASP A 66 ? VAL A 60 ASP A 65 
# 
loop_
_pdbx_struct_sheet_hbond.sheet_id 
_pdbx_struct_sheet_hbond.range_id_1 
_pdbx_struct_sheet_hbond.range_id_2 
_pdbx_struct_sheet_hbond.range_1_label_atom_id 
_pdbx_struct_sheet_hbond.range_1_label_comp_id 
_pdbx_struct_sheet_hbond.range_1_label_asym_id 
_pdbx_struct_sheet_hbond.range_1_label_seq_id 
_pdbx_struct_sheet_hbond.range_1_PDB_ins_code 
_pdbx_struct_sheet_hbond.range_1_auth_atom_id 
_pdbx_struct_sheet_hbond.range_1_auth_comp_id 
_pdbx_struct_sheet_hbond.range_1_auth_asym_id 
_pdbx_struct_sheet_hbond.range_1_auth_seq_id 
_pdbx_struct_sheet_hbond.range_2_label_atom_id 
_pdbx_struct_sheet_hbond.range_2_label_comp_id 
_pdbx_struct_sheet_hbond.range_2_label_asym_id 
_pdbx_struct_sheet_hbond.range_2_label_seq_id 
_pdbx_struct_sheet_hbond.range_2_PDB_ins_code 
_pdbx_struct_sheet_hbond.range_2_auth_atom_id 
_pdbx_struct_sheet_hbond.range_2_auth_comp_id 
_pdbx_struct_sheet_hbond.range_2_auth_asym_id 
_pdbx_struct_sheet_hbond.range_2_auth_seq_id 
A 1 2 N VAL A 7  ? N VAL A 6  O LEU A 39 ? O LEU A 38 
A 2 3 N LEU A 36 ? N LEU A 35 O VAL A 79 ? O VAL A 78 
A 3 4 O VAL A 78 ? O VAL A 77 N ALA A 65 ? N ALA A 64 
# 
_atom_sites.entry_id                    2ZQE 
_atom_sites.fract_transf_matrix[1][1]   0.00214942 
_atom_sites.fract_transf_matrix[1][2]   -0.00352245 
_atom_sites.fract_transf_matrix[1][3]   -0.02006610 
_atom_sites.fract_transf_matrix[2][1]   0.00822610 
_atom_sites.fract_transf_matrix[2][2]   -0.01608790 
_atom_sites.fract_transf_matrix[2][3]   0.00370526 
_atom_sites.fract_transf_matrix[3][1]   -0.02939144 
_atom_sites.fract_transf_matrix[3][2]   -0.01514143 
_atom_sites.fract_transf_matrix[3][3]   -0.00049036 
_atom_sites.fract_transf_vector[1]      0.241698 
_atom_sites.fract_transf_vector[2]      -0.216144 
_atom_sites.fract_transf_vector[3]      0.877502 
# 
loop_
_atom_type.symbol 
C 
N 
O 
# 
loop_
_atom_site.group_PDB 
_atom_site.id 
_atom_site.type_symbol 
_atom_site.label_atom_id 
_atom_site.label_alt_id 
_atom_site.label_comp_id 
_atom_site.label_asym_id 
_atom_site.label_entity_id 
_atom_site.label_seq_id 
_atom_site.pdbx_PDB_ins_code 
_atom_site.Cartn_x 
_atom_site.Cartn_y 
_atom_site.Cartn_z 
_atom_site.occupancy 
_atom_site.B_iso_or_equiv 
_atom_site.pdbx_formal_charge 
_atom_site.auth_seq_id 
_atom_site.auth_comp_id 
_atom_site.auth_asym_id 
_atom_site.auth_atom_id 
_atom_site.pdbx_PDB_model_num 
ATOM   1   N N   . VAL A 1 4  ? 11.328  -5.526  5.109   1.00 16.01 ? 3   VAL A N   1 
ATOM   2   C CA  . VAL A 1 4  ? 10.631  -4.698  4.072   1.00 15.47 ? 3   VAL A CA  1 
ATOM   3   C C   . VAL A 1 4  ? 9.784   -3.625  4.754   1.00 15.06 ? 3   VAL A C   1 
ATOM   4   O O   . VAL A 1 4  ? 8.999   -3.937  5.652   1.00 15.42 ? 3   VAL A O   1 
ATOM   5   C CB  . VAL A 1 4  ? 9.750   -5.576  3.144   1.00 15.67 ? 3   VAL A CB  1 
ATOM   6   C CG1 . VAL A 1 4  ? 8.877   -4.714  2.208   1.00 14.95 ? 3   VAL A CG1 1 
ATOM   7   C CG2 . VAL A 1 4  ? 10.612  -6.552  2.335   1.00 15.80 ? 3   VAL A CG2 1 
ATOM   8   N N   . LYS A 1 5  ? 9.956   -2.370  4.338   1.00 14.23 ? 4   LYS A N   1 
ATOM   9   C CA  . LYS A 1 5  ? 9.231   -1.241  4.921   1.00 13.91 ? 4   LYS A CA  1 
ATOM   10  C C   . LYS A 1 5  ? 7.727   -1.504  4.893   1.00 13.15 ? 4   LYS A C   1 
ATOM   11  O O   . LYS A 1 5  ? 7.180   -1.877  3.864   1.00 12.58 ? 4   LYS A O   1 
ATOM   12  C CB  . LYS A 1 5  ? 9.555   0.052   4.176   1.00 14.31 ? 4   LYS A CB  1 
ATOM   13  C CG  . LYS A 1 5  ? 8.817   1.265   4.698   1.00 16.74 ? 4   LYS A CG  1 
ATOM   14  C CD  . LYS A 1 5  ? 9.200   2.522   3.949   1.00 19.94 ? 4   LYS A CD  1 
ATOM   15  C CE  . LYS A 1 5  ? 8.484   3.731   4.517   1.00 22.27 ? 4   LYS A CE  1 
ATOM   16  N NZ  . LYS A 1 5  ? 8.426   3.663   5.997   1.00 22.19 ? 4   LYS A NZ  1 
ATOM   17  N N   . GLU A 1 6  ? 7.077   -1.325  6.036   1.00 13.22 ? 5   GLU A N   1 
ATOM   18  C CA  . GLU A 1 6  ? 5.643   -1.557  6.148   1.00 12.68 ? 5   GLU A CA  1 
ATOM   19  C C   . GLU A 1 6  ? 5.001   -0.378  6.847   1.00 12.25 ? 5   GLU A C   1 
ATOM   20  O O   . GLU A 1 6  ? 5.527   0.118   7.853   1.00 12.91 ? 5   GLU A O   1 
ATOM   21  C CB  . GLU A 1 6  ? 5.344   -2.845  6.917   1.00 12.71 ? 5   GLU A CB  1 
ATOM   22  C CG  . GLU A 1 6  ? 3.846   -3.188  6.996   1.00 14.21 ? 5   GLU A CG  1 
ATOM   23  C CD  . GLU A 1 6  ? 3.592   -4.560  7.572   1.00 15.13 ? 5   GLU A CD  1 
ATOM   24  O OE1 . GLU A 1 6  ? 3.504   -4.692  8.820   1.00 18.84 ? 5   GLU A OE1 1 
ATOM   25  O OE2 . GLU A 1 6  ? 3.459   -5.510  6.780   1.00 20.56 ? 5   GLU A OE2 1 
ATOM   26  N N   . VAL A 1 7  ? 3.876   0.074   6.305   1.00 10.75 ? 6   VAL A N   1 
ATOM   27  C CA  . VAL A 1 7  ? 3.085   1.136   6.925   1.00 10.44 ? 6   VAL A CA  1 
ATOM   28  C C   . VAL A 1 7  ? 1.715   0.589   7.352   1.00 9.34  ? 6   VAL A C   1 
ATOM   29  O O   . VAL A 1 7  ? 1.022   -0.060  6.576   1.00 8.04  ? 6   VAL A O   1 
ATOM   30  C CB  . VAL A 1 7  ? 2.912   2.350   5.996   1.00 11.22 ? 6   VAL A CB  1 
ATOM   31  C CG1 . VAL A 1 7  ? 2.092   3.436   6.681   1.00 14.16 ? 6   VAL A CG1 1 
ATOM   32  C CG2 . VAL A 1 7  ? 4.299   2.891   5.579   1.00 12.89 ? 6   VAL A CG2 1 
ATOM   33  N N   . ASP A 1 8  ? 1.359   0.855   8.604   1.00 8.07  ? 7   ASP A N   1 
ATOM   34  C CA  . ASP A 1 8  ? 0.121   0.354   9.178   1.00 8.06  ? 7   ASP A CA  1 
ATOM   35  C C   . ASP A 1 8  ? -0.980  1.393   9.021   1.00 7.90  ? 7   ASP A C   1 
ATOM   36  O O   . ASP A 1 8  ? -1.004  2.414   9.724   1.00 8.02  ? 7   ASP A O   1 
ATOM   37  C CB  . ASP A 1 8  ? 0.346   -0.008  10.655  1.00 7.91  ? 7   ASP A CB  1 
ATOM   38  C CG  . ASP A 1 8  ? -0.807  -0.775  11.255  1.00 8.23  ? 7   ASP A CG  1 
ATOM   39  O OD1 . ASP A 1 8  ? -1.900  -0.796  10.652  1.00 8.11  ? 7   ASP A OD1 1 
ATOM   40  O OD2 . ASP A 1 8  ? -0.621  -1.378  12.337  1.00 8.51  ? 7   ASP A OD2 1 
ATOM   41  N N   . LEU A 1 9  ? -1.892  1.112   8.094   1.00 6.30  ? 8   LEU A N   1 
ATOM   42  C CA  . LEU A 1 9  ? -3.015  1.995   7.781   1.00 6.36  ? 8   LEU A CA  1 
ATOM   43  C C   . LEU A 1 9  ? -4.326  1.595   8.471   1.00 6.25  ? 8   LEU A C   1 
ATOM   44  O O   . LEU A 1 9  ? -5.358  2.220   8.260   1.00 5.95  ? 8   LEU A O   1 
ATOM   45  C CB  . LEU A 1 9  ? -3.234  1.983   6.263   1.00 6.57  ? 8   LEU A CB  1 
ATOM   46  C CG  . LEU A 1 9  ? -1.955  2.272   5.483   1.00 6.45  ? 8   LEU A CG  1 
ATOM   47  C CD1 . LEU A 1 9  ? -2.108  1.792   4.048   1.00 8.32  ? 8   LEU A CD1 1 
ATOM   48  C CD2 . LEU A 1 9  ? -1.626  3.756   5.513   1.00 7.60  ? 8   LEU A CD2 1 
ATOM   49  N N   . ARG A 1 10 ? -4.304  0.522   9.255   1.00 6.85  ? 9   ARG A N   1 
ATOM   50  C CA  . ARG A 1 10 ? -5.533  0.039   9.870   1.00 7.14  ? 9   ARG A CA  1 
ATOM   51  C C   . ARG A 1 10 ? -6.036  1.087   10.837  1.00 7.76  ? 9   ARG A C   1 
ATOM   52  O O   . ARG A 1 10 ? -5.235  1.697   11.547  1.00 10.24 ? 9   ARG A O   1 
ATOM   53  C CB  . ARG A 1 10 ? -5.292  -1.278  10.601  1.00 6.83  ? 9   ARG A CB  1 
ATOM   54  C CG  . ARG A 1 10 ? -4.820  -2.369  9.665   1.00 6.33  ? 9   ARG A CG  1 
ATOM   55  C CD  . ARG A 1 10 ? -4.421  -3.608  10.442  1.00 7.48  ? 9   ARG A CD  1 
ATOM   56  N NE  . ARG A 1 10 ? -3.257  -3.371  11.295  1.00 8.09  ? 9   ARG A NE  1 
ATOM   57  C CZ  . ARG A 1 10 ? -2.782  -4.262  12.160  1.00 9.22  ? 9   ARG A CZ  1 
ATOM   58  N NH1 . ARG A 1 10 ? -3.365  -5.449  12.269  1.00 10.24 ? 9   ARG A NH1 1 
ATOM   59  N NH2 . ARG A 1 10 ? -1.726  -3.971  12.909  1.00 10.84 ? 9   ARG A NH2 1 
ATOM   60  N N   . GLY A 1 11 ? -7.349  1.294   10.838  1.00 8.57  ? 10  GLY A N   1 
ATOM   61  C CA  . GLY A 1 11 ? -7.976  2.284   11.712  1.00 8.17  ? 10  GLY A CA  1 
ATOM   62  C C   . GLY A 1 11 ? -8.147  3.650   11.075  1.00 7.37  ? 10  GLY A C   1 
ATOM   63  O O   . GLY A 1 11 ? -8.770  4.536   11.661  1.00 8.00  ? 10  GLY A O   1 
ATOM   64  N N   . LEU A 1 12 ? -7.583  3.842   9.884   1.00 6.57  ? 11  LEU A N   1 
ATOM   65  C CA  . LEU A 1 12 ? -7.765  5.107   9.164   1.00 5.49  ? 11  LEU A CA  1 
ATOM   66  C C   . LEU A 1 12 ? -9.015  5.068   8.269   1.00 5.59  ? 11  LEU A C   1 
ATOM   67  O O   . LEU A 1 12 ? -9.384  4.024   7.761   1.00 5.50  ? 11  LEU A O   1 
ATOM   68  C CB  . LEU A 1 12 ? -6.526  5.403   8.299   1.00 5.75  ? 11  LEU A CB  1 
ATOM   69  C CG  . LEU A 1 12 ? -5.188  5.584   9.041   1.00 5.10  ? 11  LEU A CG  1 
ATOM   70  C CD1 . LEU A 1 12 ? -4.070  5.797   8.052   1.00 7.84  ? 11  LEU A CD1 1 
ATOM   71  C CD2 . LEU A 1 12 ? -5.274  6.743   10.039  1.00 7.87  ? 11  LEU A CD2 1 
ATOM   72  N N   . THR A 1 13 ? -9.653  6.218   8.057   1.00 5.76  ? 12  THR A N   1 
ATOM   73  C CA  . THR A 1 13 ? -10.670 6.321   7.006   1.00 5.54  ? 12  THR A CA  1 
ATOM   74  C C   . THR A 1 13 ? -10.014 6.125   5.643   1.00 5.45  ? 12  THR A C   1 
ATOM   75  O O   . THR A 1 13 ? -8.792  6.218   5.534   1.00 6.07  ? 12  THR A O   1 
ATOM   76  C CB  . THR A 1 13 ? -11.340 7.687   7.014   1.00 6.27  ? 12  THR A CB  1 
ATOM   77  O OG1 . THR A 1 13 ? -10.353 8.718   6.774   1.00 6.57  ? 12  THR A OG1 1 
ATOM   78  C CG2 . THR A 1 13 ? -12.006 7.894   8.349   1.00 6.72  ? 12  THR A CG2 1 
ATOM   79  N N   . VAL A 1 14 ? -10.815 5.890   4.609   1.00 5.46  ? 13  VAL A N   1 
ATOM   80  C CA  . VAL A 1 14 ? -10.251 5.849   3.228   1.00 6.21  ? 13  VAL A CA  1 
ATOM   81  C C   . VAL A 1 14 ? -9.407  7.100   2.924   1.00 6.55  ? 13  VAL A C   1 
ATOM   82  O O   . VAL A 1 14 ? -8.268  7.003   2.437   1.00 5.58  ? 13  VAL A O   1 
ATOM   83  C CB  . VAL A 1 14 ? -11.362 5.641   2.174   1.00 6.54  ? 13  VAL A CB  1 
ATOM   84  C CG1 . VAL A 1 14 ? -10.850 5.927   0.755   1.00 7.40  ? 13  VAL A CG1 1 
ATOM   85  C CG2 . VAL A 1 14 ? -11.922 4.220   2.269   1.00 6.94  ? 13  VAL A CG2 1 
ATOM   86  N N   . ALA A 1 15 ? -9.948  8.275   3.243   1.00 6.52  ? 14  ALA A N   1 
ATOM   87  C CA  . ALA A 1 15 ? -9.227  9.527   2.947   1.00 7.11  ? 14  ALA A CA  1 
ATOM   88  C C   . ALA A 1 15 ? -7.894  9.641   3.688   1.00 7.11  ? 14  ALA A C   1 
ATOM   89  O O   . ALA A 1 15 ? -6.870  10.022  3.100   1.00 7.91  ? 14  ALA A O   1 
ATOM   90  C CB  . ALA A 1 15 ? -10.121 10.727  3.245   1.00 7.97  ? 14  ALA A CB  1 
ATOM   91  N N   . GLU A 1 16 ? -7.892  9.305   4.976   1.00 6.70  ? 15  GLU A N   1 
ATOM   92  C CA  . GLU A 1 16 ? -6.661  9.347   5.763   1.00 7.67  ? 15  GLU A CA  1 
ATOM   93  C C   . GLU A 1 16 ? -5.663  8.317   5.223   1.00 6.75  ? 15  GLU A C   1 
ATOM   94  O O   . GLU A 1 16 ? -4.462  8.603   5.085   1.00 6.28  ? 15  GLU A O   1 
ATOM   95  C CB  . GLU A 1 16 ? -6.954  9.001   7.216   1.00 7.30  ? 15  GLU A CB  1 
ATOM   96  C CG  . GLU A 1 16 ? -7.630  10.087  8.044   1.00 9.65  ? 15  GLU A CG  1 
ATOM   97  C CD  . GLU A 1 16 ? -8.024  9.544   9.418   1.00 10.33 ? 15  GLU A CD  1 
ATOM   98  O OE1 . GLU A 1 16 ? -8.693  8.507   9.453   1.00 9.26  ? 15  GLU A OE1 1 
ATOM   99  O OE2 . GLU A 1 16 ? -7.624  10.122  10.462  1.00 15.96 ? 15  GLU A OE2 1 
ATOM   100 N N   . ALA A 1 17 ? -6.173  7.131   4.918   1.00 5.90  ? 16  ALA A N   1 
ATOM   101 C CA  . ALA A 1 17 ? -5.334  6.042   4.397   1.00 5.63  ? 16  ALA A CA  1 
ATOM   102 C C   . ALA A 1 17 ? -4.673  6.418   3.078   1.00 5.58  ? 16  ALA A C   1 
ATOM   103 O O   . ALA A 1 17 ? -3.475  6.199   2.891   1.00 5.51  ? 16  ALA A O   1 
ATOM   104 C CB  . ALA A 1 17 ? -6.145  4.733   4.261   1.00 5.11  ? 16  ALA A CB  1 
ATOM   105 N N   . LEU A 1 18 ? -5.443  7.005   2.168   1.00 5.62  ? 17  LEU A N   1 
ATOM   106 C CA  . LEU A 1 18 ? -4.879  7.426   0.878   1.00 5.93  ? 17  LEU A CA  1 
ATOM   107 C C   . LEU A 1 18 ? -3.847  8.551   1.004   1.00 5.76  ? 17  LEU A C   1 
ATOM   108 O O   . LEU A 1 18 ? -2.845  8.558   0.287   1.00 5.61  ? 17  LEU A O   1 
ATOM   109 C CB  . LEU A 1 18 ? -5.991  7.818   -0.100  1.00 6.26  ? 17  LEU A CB  1 
ATOM   110 C CG  . LEU A 1 18 ? -6.762  6.625   -0.681  1.00 9.07  ? 17  LEU A CG  1 
ATOM   111 C CD1 . LEU A 1 18 ? -7.728  7.096   -1.761  1.00 9.75  ? 17  LEU A CD1 1 
ATOM   112 C CD2 . LEU A 1 18 ? -5.872  5.550   -1.245  1.00 12.20 ? 17  LEU A CD2 1 
ATOM   113 N N   . LEU A 1 19 ? -4.100  9.502   1.909   1.00 5.44  ? 18  LEU A N   1 
ATOM   114 C CA  . LEU A 1 19 ? -3.094  10.529  2.221   1.00 6.56  ? 18  LEU A CA  1 
ATOM   115 C C   . LEU A 1 19 ? -1.780  9.905   2.713   1.00 6.42  ? 18  LEU A C   1 
ATOM   116 O O   . LEU A 1 19 ? -0.668  10.299  2.276   1.00 5.85  ? 18  LEU A O   1 
ATOM   117 C CB  . LEU A 1 19 ? -3.654  11.537  3.244   1.00 6.36  ? 18  LEU A CB  1 
ATOM   118 C CG  . LEU A 1 19 ? -2.727  12.693  3.641   1.00 9.53  ? 18  LEU A CG  1 
ATOM   119 C CD1 . LEU A 1 19 ? -2.456  13.578  2.444   1.00 12.63 ? 18  LEU A CD1 1 
ATOM   120 C CD2 . LEU A 1 19 ? -3.386  13.494  4.730   1.00 11.57 ? 18  LEU A CD2 1 
ATOM   121 N N   . GLU A 1 20 ? -1.896  8.930   3.618   1.00 6.28  ? 19  GLU A N   1 
ATOM   122 C CA  . GLU A 1 20 ? -0.713  8.264   4.135   1.00 6.48  ? 19  GLU A CA  1 
ATOM   123 C C   . GLU A 1 20 ? -0.035  7.413   3.076   1.00 6.16  ? 19  GLU A C   1 
ATOM   124 O O   . GLU A 1 20 ? 1.193   7.338   3.042   1.00 6.56  ? 19  GLU A O   1 
ATOM   125 C CB  . GLU A 1 20 ? -1.021  7.458   5.408   1.00 6.88  ? 19  GLU A CB  1 
ATOM   126 C CG  . GLU A 1 20 ? 0.193   6.731   6.006   1.00 11.78 ? 19  GLU A CG  1 
ATOM   127 C CD  . GLU A 1 20 ? 1.419   7.627   6.145   1.00 16.71 ? 19  GLU A CD  1 
ATOM   128 O OE1 . GLU A 1 20 ? 1.249   8.782   6.578   1.00 19.79 ? 19  GLU A OE1 1 
ATOM   129 O OE2 . GLU A 1 20 ? 2.551   7.179   5.820   1.00 19.08 ? 19  GLU A OE2 1 
ATOM   130 N N   . VAL A 1 21 ? -0.817  6.761   2.219   1.00 5.72  ? 20  VAL A N   1 
ATOM   131 C CA  . VAL A 1 21 ? -0.215  5.984   1.128   1.00 5.41  ? 20  VAL A CA  1 
ATOM   132 C C   . VAL A 1 21 ? 0.615   6.884   0.204   1.00 5.96  ? 20  VAL A C   1 
ATOM   133 O O   . VAL A 1 21 ? 1.740   6.542   -0.164  1.00 6.82  ? 20  VAL A O   1 
ATOM   134 C CB  . VAL A 1 21 ? -1.262  5.181   0.338   1.00 5.48  ? 20  VAL A CB  1 
ATOM   135 C CG1 . VAL A 1 21 ? -0.664  4.646   -0.960  1.00 4.57  ? 20  VAL A CG1 1 
ATOM   136 C CG2 . VAL A 1 21 ? -1.773  4.032   1.207   1.00 5.54  ? 20  VAL A CG2 1 
ATOM   137 N N   . ASP A 1 22 ? 0.075   8.043   -0.133  1.00 6.09  ? 21  ASP A N   1 
ATOM   138 C CA  . ASP A 1 22 ? 0.793   9.014   -0.958  1.00 6.50  ? 21  ASP A CA  1 
ATOM   139 C C   . ASP A 1 22 ? 2.141   9.388   -0.319  1.00 7.36  ? 21  ASP A C   1 
ATOM   140 O O   . ASP A 1 22 ? 3.176   9.385   -0.998  1.00 7.54  ? 21  ASP A O   1 
ATOM   141 C CB  . ASP A 1 22 ? -0.089  10.248  -1.163  1.00 7.17  ? 21  ASP A CB  1 
ATOM   142 C CG  . ASP A 1 22 ? 0.621   11.356  -1.905  1.00 8.82  ? 21  ASP A CG  1 
ATOM   143 O OD1 . ASP A 1 22 ? 1.177   11.090  -2.994  1.00 10.37 ? 21  ASP A OD1 1 
ATOM   144 O OD2 . ASP A 1 22 ? 0.622   12.504  -1.393  1.00 13.56 ? 21  ASP A OD2 1 
ATOM   145 N N   . GLN A 1 23 ? 2.125   9.648   0.989   1.00 7.47  ? 22  GLN A N   1 
ATOM   146 C CA  . GLN A 1 23 ? 3.346   9.977   1.727   1.00 7.85  ? 22  GLN A CA  1 
ATOM   147 C C   . GLN A 1 23 ? 4.318   8.803   1.799   1.00 7.54  ? 22  GLN A C   1 
ATOM   148 O O   . GLN A 1 23 ? 5.539   8.969   1.606   1.00 7.72  ? 22  GLN A O   1 
ATOM   149 C CB  . GLN A 1 23 ? 3.015   10.491  3.131   1.00 8.85  ? 22  GLN A CB  1 
ATOM   150 C CG  . GLN A 1 23 ? 4.233   11.048  3.869   1.00 12.63 ? 22  GLN A CG  1 
ATOM   151 C CD  . GLN A 1 23 ? 4.878   12.241  3.151   1.00 18.39 ? 22  GLN A CD  1 
ATOM   152 O OE1 . GLN A 1 23 ? 4.200   13.015  2.458   1.00 21.71 ? 22  GLN A OE1 1 
ATOM   153 N NE2 . GLN A 1 23 ? 6.200   12.392  3.320   1.00 18.74 ? 22  GLN A NE2 1 
ATOM   154 N N   . ALA A 1 24 ? 3.789   7.609   2.073   1.00 6.39  ? 23  ALA A N   1 
ATOM   155 C CA  . ALA A 1 24 ? 4.642   6.428   2.191   1.00 6.64  ? 23  ALA A CA  1 
ATOM   156 C C   . ALA A 1 24 ? 5.326   6.080   0.863   1.00 6.19  ? 23  ALA A C   1 
ATOM   157 O O   . ALA A 1 24 ? 6.486   5.657   0.861   1.00 6.90  ? 23  ALA A O   1 
ATOM   158 C CB  . ALA A 1 24 ? 3.837   5.243   2.719   1.00 6.73  ? 23  ALA A CB  1 
ATOM   159 N N   . LEU A 1 25 ? 4.619   6.259   -0.257  1.00 6.26  ? 24  LEU A N   1 
ATOM   160 C CA  . LEU A 1 25 ? 5.213   6.006   -1.582  1.00 5.70  ? 24  LEU A CA  1 
ATOM   161 C C   . LEU A 1 25 ? 6.310   7.038   -1.834  1.00 6.31  ? 24  LEU A C   1 
ATOM   162 O O   . LEU A 1 25 ? 7.402   6.697   -2.306  1.00 6.76  ? 24  LEU A O   1 
ATOM   163 C CB  . LEU A 1 25 ? 4.152   6.093   -2.688  1.00 6.10  ? 24  LEU A CB  1 
ATOM   164 C CG  . LEU A 1 25 ? 3.149   4.933   -2.706  1.00 4.76  ? 24  LEU A CG  1 
ATOM   165 C CD1 . LEU A 1 25 ? 1.944   5.289   -3.582  1.00 7.61  ? 24  LEU A CD1 1 
ATOM   166 C CD2 . LEU A 1 25 ? 3.815   3.651   -3.193  1.00 7.32  ? 24  LEU A CD2 1 
ATOM   167 N N   . GLU A 1 26 ? 6.030   8.287   -1.467  1.00 6.31  ? 25  GLU A N   1 
ATOM   168 C CA  . GLU A 1 26 ? 7.024   9.350   -1.643  1.00 7.59  ? 25  GLU A CA  1 
ATOM   169 C C   . GLU A 1 26 ? 8.305   9.030   -0.865  1.00 7.71  ? 25  GLU A C   1 
ATOM   170 O O   . GLU A 1 26 ? 9.419   9.141   -1.398  1.00 7.50  ? 25  GLU A O   1 
ATOM   171 C CB  . GLU A 1 26 ? 6.451   10.702  -1.204  1.00 7.52  ? 25  GLU A CB  1 
ATOM   172 C CG  . GLU A 1 26 ? 7.291   11.918  -1.656  1.00 10.58 ? 25  GLU A CG  1 
ATOM   173 C CD  . GLU A 1 26 ? 7.368   12.128  -3.175  1.00 13.28 ? 25  GLU A CD  1 
ATOM   174 O OE1 . GLU A 1 26 ? 6.659   11.454  -3.962  1.00 14.34 ? 25  GLU A OE1 1 
ATOM   175 O OE2 . GLU A 1 26 ? 8.145   13.027  -3.597  1.00 16.35 ? 25  GLU A OE2 1 
ATOM   176 N N   . GLU A 1 27 ? 8.140   8.624   0.392   1.00 8.02  ? 26  GLU A N   1 
ATOM   177 C CA  . GLU A 1 27 ? 9.274   8.335   1.257   1.00 9.15  ? 26  GLU A CA  1 
ATOM   178 C C   . GLU A 1 27 ? 10.025  7.090   0.787   1.00 9.01  ? 26  GLU A C   1 
ATOM   179 O O   . GLU A 1 27 ? 11.254  7.051   0.808   1.00 9.39  ? 26  GLU A O   1 
ATOM   180 C CB  . GLU A 1 27 ? 8.821   8.206   2.719   1.00 8.54  ? 26  GLU A CB  1 
ATOM   181 C CG  . GLU A 1 27 ? 8.380   9.558   3.282   1.00 10.27 ? 26  GLU A CG  1 
ATOM   182 C CD  . GLU A 1 27 ? 7.896   9.502   4.721   1.00 11.27 ? 26  GLU A CD  1 
ATOM   183 O OE1 . GLU A 1 27 ? 8.123   8.488   5.405   1.00 16.03 ? 26  GLU A OE1 1 
ATOM   184 O OE2 . GLU A 1 27 ? 7.306   10.507  5.173   1.00 16.08 ? 26  GLU A OE2 1 
ATOM   185 N N   . ALA A 1 28 ? 9.288   6.078   0.349   1.00 8.90  ? 27  ALA A N   1 
ATOM   186 C CA  . ALA A 1 28 ? 9.907   4.825   -0.095  1.00 8.62  ? 27  ALA A CA  1 
ATOM   187 C C   . ALA A 1 28 ? 10.784  5.088   -1.321  1.00 9.14  ? 27  ALA A C   1 
ATOM   188 O O   . ALA A 1 28 ? 11.920  4.612   -1.375  1.00 8.85  ? 27  ALA A O   1 
ATOM   189 C CB  . ALA A 1 28 ? 8.848   3.766   -0.398  1.00 9.15  ? 27  ALA A CB  1 
ATOM   190 N N   . ARG A 1 29 ? 10.288  5.880   -2.270  1.00 9.38  ? 28  ARG A N   1 
ATOM   191 C CA  . ARG A 1 29 ? 11.100  6.256   -3.439  1.00 10.57 ? 28  ARG A CA  1 
ATOM   192 C C   . ARG A 1 29 ? 12.270  7.187   -3.077  1.00 10.49 ? 28  ARG A C   1 
ATOM   193 O O   . ARG A 1 29 ? 13.363  7.062   -3.648  1.00 10.65 ? 28  ARG A O   1 
ATOM   194 C CB  . ARG A 1 29 ? 10.243  6.867   -4.549  1.00 11.63 ? 28  ARG A CB  1 
ATOM   195 C CG  . ARG A 1 29 ? 9.479   5.781   -5.332  1.00 14.89 ? 28  ARG A CG  1 
ATOM   196 C CD  . ARG A 1 29 ? 9.154   6.195   -6.769  1.00 20.86 ? 28  ARG A CD  1 
ATOM   197 N NE  . ARG A 1 29 ? 10.330  6.175   -7.645  1.00 24.92 ? 28  ARG A NE  1 
ATOM   198 C CZ  . ARG A 1 29 ? 11.042  7.248   -7.987  1.00 26.71 ? 28  ARG A CZ  1 
ATOM   199 N NH1 . ARG A 1 29 ? 10.705  8.452   -7.537  1.00 27.64 ? 28  ARG A NH1 1 
ATOM   200 N NH2 . ARG A 1 29 ? 12.093  7.118   -8.790  1.00 27.59 ? 28  ARG A NH2 1 
ATOM   201 N N   . ALA A 1 30 ? 12.042  8.091   -2.128  1.00 10.35 ? 29  ALA A N   1 
ATOM   202 C CA  . ALA A 1 30 ? 13.090  9.014   -1.654  1.00 10.19 ? 29  ALA A CA  1 
ATOM   203 C C   . ALA A 1 30 ? 14.251  8.227   -1.050  1.00 10.45 ? 29  ALA A C   1 
ATOM   204 O O   . ALA A 1 30 ? 15.416  8.612   -1.201  1.00 9.92  ? 29  ALA A O   1 
ATOM   205 C CB  . ALA A 1 30 ? 12.524  10.022  -0.618  1.00 10.04 ? 29  ALA A CB  1 
ATOM   206 N N   . LEU A 1 31 ? 13.915  7.127   -0.377  1.00 10.06 ? 30  LEU A N   1 
ATOM   207 C CA  . LEU A 1 31 ? 14.890  6.285   0.300   1.00 11.39 ? 30  LEU A CA  1 
ATOM   208 C C   . LEU A 1 31 ? 15.533  5.287   -0.667  1.00 11.12 ? 30  LEU A C   1 
ATOM   209 O O   . LEU A 1 31 ? 16.510  4.632   -0.317  1.00 11.61 ? 30  LEU A O   1 
ATOM   210 C CB  . LEU A 1 31 ? 14.256  5.541   1.488   1.00 11.71 ? 30  LEU A CB  1 
ATOM   211 C CG  . LEU A 1 31 ? 15.240  4.850   2.447   1.00 14.12 ? 30  LEU A CG  1 
ATOM   212 C CD1 . LEU A 1 31 ? 16.382  5.808   2.840   1.00 14.50 ? 30  LEU A CD1 1 
ATOM   213 C CD2 . LEU A 1 31 ? 14.567  4.269   3.709   1.00 13.67 ? 30  LEU A CD2 1 
ATOM   214 N N   . GLY A 1 32 ? 14.984  5.167   -1.875  1.00 10.97 ? 31  GLY A N   1 
ATOM   215 C CA  . GLY A 1 32 ? 15.535  4.227   -2.856  1.00 10.74 ? 31  GLY A CA  1 
ATOM   216 C C   . GLY A 1 32 ? 15.126  2.776   -2.643  1.00 11.11 ? 31  GLY A C   1 
ATOM   217 O O   . GLY A 1 32 ? 15.867  1.851   -3.013  1.00 11.01 ? 31  GLY A O   1 
ATOM   218 N N   . LEU A 1 33 ? 13.941  2.578   -2.051  1.00 10.37 ? 32  LEU A N   1 
ATOM   219 C CA  . LEU A 1 33 ? 13.405  1.245   -1.788  1.00 10.49 ? 32  LEU A CA  1 
ATOM   220 C C   . LEU A 1 33 ? 12.744  0.671   -3.021  1.00 10.54 ? 32  LEU A C   1 
ATOM   221 O O   . LEU A 1 33 ? 12.185  1.413   -3.837  1.00 10.92 ? 32  LEU A O   1 
ATOM   222 C CB  . LEU A 1 33 ? 12.379  1.293   -0.649  1.00 10.50 ? 32  LEU A CB  1 
ATOM   223 C CG  . LEU A 1 33 ? 12.880  1.826   0.702   1.00 10.51 ? 32  LEU A CG  1 
ATOM   224 C CD1 . LEU A 1 33 ? 11.799  1.660   1.764   1.00 12.34 ? 32  LEU A CD1 1 
ATOM   225 C CD2 . LEU A 1 33 ? 14.145  1.136   1.125   1.00 11.27 ? 32  LEU A CD2 1 
ATOM   226 N N   . SER A 1 34 ? 12.801  -0.656  -3.132  1.00 9.99  ? 33  SER A N   1 
ATOM   227 C CA  . SER A 1 34 ? 12.199  -1.353  -4.255  1.00 9.60  ? 33  SER A CA  1 
ATOM   228 C C   . SER A 1 34 ? 10.782  -1.815  -3.947  1.00 8.76  ? 33  SER A C   1 
ATOM   229 O O   . SER A 1 34 ? 10.008  -2.069  -4.871  1.00 7.74  ? 33  SER A O   1 
ATOM   230 C CB  . SER A 1 34 ? 13.049  -2.564  -4.645  1.00 10.87 ? 33  SER A CB  1 
ATOM   231 O OG  . SER A 1 34 ? 13.060  -3.502  -3.585  1.00 14.53 ? 33  SER A OG  1 
ATOM   232 N N   . THR A 1 35 ? 10.466  -1.960  -2.660  1.00 8.33  ? 34  THR A N   1 
ATOM   233 C CA  . THR A 1 35 ? 9.202   -2.565  -2.234  1.00 8.55  ? 34  THR A CA  1 
ATOM   234 C C   . THR A 1 35 ? 8.661   -1.843  -1.008  1.00 8.53  ? 34  THR A C   1 
ATOM   235 O O   . THR A 1 35 ? 9.445   -1.369  -0.174  1.00 7.75  ? 34  THR A O   1 
ATOM   236 C CB  . THR A 1 35 ? 9.385   -4.062  -1.902  1.00 9.44  ? 34  THR A CB  1 
ATOM   237 O OG1 . THR A 1 35 ? 10.108  -4.700  -2.968  1.00 12.94 ? 34  THR A OG1 1 
ATOM   238 C CG2 . THR A 1 35 ? 8.035   -4.763  -1.747  1.00 9.59  ? 34  THR A CG2 1 
ATOM   239 N N   . LEU A 1 36 ? 7.332   -1.810  -0.896  1.00 7.05  ? 35  LEU A N   1 
ATOM   240 C CA  . LEU A 1 36 ? 6.640   -1.216  0.240   1.00 6.87  ? 35  LEU A CA  1 
ATOM   241 C C   . LEU A 1 36 ? 5.402   -2.039  0.555   1.00 6.44  ? 35  LEU A C   1 
ATOM   242 O O   . LEU A 1 36 ? 4.609   -2.347  -0.336  1.00 6.33  ? 35  LEU A O   1 
ATOM   243 C CB  . LEU A 1 36 ? 6.231   0.221   -0.098  1.00 6.85  ? 35  LEU A CB  1 
ATOM   244 C CG  . LEU A 1 36 ? 5.337   0.964   0.890   1.00 6.74  ? 35  LEU A CG  1 
ATOM   245 C CD1 . LEU A 1 36 ? 6.010   1.172   2.237   1.00 10.36 ? 35  LEU A CD1 1 
ATOM   246 C CD2 . LEU A 1 36 ? 4.916   2.280   0.267   1.00 8.79  ? 35  LEU A CD2 1 
ATOM   247 N N   . ARG A 1 37 ? 5.236   -2.390  1.825   1.00 5.92  ? 36  ARG A N   1 
ATOM   248 C CA  . ARG A 1 37 ? 4.035   -3.119  2.258   1.00 5.90  ? 36  ARG A CA  1 
ATOM   249 C C   . ARG A 1 37 ? 3.024   -2.171  2.881   1.00 5.85  ? 36  ARG A C   1 
ATOM   250 O O   . ARG A 1 37 ? 3.362   -1.378  3.746   1.00 7.15  ? 36  ARG A O   1 
ATOM   251 C CB  . ARG A 1 37 ? 4.391   -4.218  3.257   1.00 5.89  ? 36  ARG A CB  1 
ATOM   252 C CG  . ARG A 1 37 ? 5.073   -5.422  2.622   1.00 8.19  ? 36  ARG A CG  1 
ATOM   253 C CD  . ARG A 1 37 ? 5.724   -6.307  3.694   1.00 9.98  ? 36  ARG A CD  1 
ATOM   254 N NE  . ARG A 1 37 ? 4.775   -6.779  4.713   1.00 12.16 ? 36  ARG A NE  1 
ATOM   255 C CZ  . ARG A 1 37 ? 3.984   -7.850  4.608   1.00 11.21 ? 36  ARG A CZ  1 
ATOM   256 N NH1 . ARG A 1 37 ? 3.980   -8.599  3.513   1.00 12.95 ? 36  ARG A NH1 1 
ATOM   257 N NH2 . ARG A 1 37 ? 3.170   -8.154  5.609   1.00 12.35 ? 36  ARG A NH2 1 
ATOM   258 N N   . LEU A 1 38 ? 1.781   -2.252  2.411   1.00 4.90  ? 37  LEU A N   1 
ATOM   259 C CA  . LEU A 1 38 ? 0.694   -1.456  2.955   1.00 5.02  ? 37  LEU A CA  1 
ATOM   260 C C   . LEU A 1 38 ? -0.238  -2.357  3.753   1.00 4.82  ? 37  LEU A C   1 
ATOM   261 O O   . LEU A 1 38 ? -1.012  -3.128  3.199   1.00 5.56  ? 37  LEU A O   1 
ATOM   262 C CB  . LEU A 1 38 ? -0.061  -0.748  1.814   1.00 4.80  ? 37  LEU A CB  1 
ATOM   263 C CG  . LEU A 1 38 ? 0.835   0.081   0.895   1.00 4.74  ? 37  LEU A CG  1 
ATOM   264 C CD1 . LEU A 1 38 ? 0.004   0.602   -0.289  1.00 5.32  ? 37  LEU A CD1 1 
ATOM   265 C CD2 . LEU A 1 38 ? 1.494   1.238   1.636   1.00 6.21  ? 37  LEU A CD2 1 
ATOM   266 N N   . LEU A 1 39 ? -0.127  -2.277  5.075   1.00 4.40  ? 38  LEU A N   1 
ATOM   267 C CA  . LEU A 1 39 ? -0.977  -3.063  5.960   1.00 4.96  ? 38  LEU A CA  1 
ATOM   268 C C   . LEU A 1 39 ? -2.270  -2.299  6.218   1.00 5.69  ? 38  LEU A C   1 
ATOM   269 O O   . LEU A 1 39 ? -2.303  -1.373  7.041   1.00 5.50  ? 38  LEU A O   1 
ATOM   270 C CB  . LEU A 1 39 ? -0.217  -3.333  7.268   1.00 4.70  ? 38  LEU A CB  1 
ATOM   271 C CG  . LEU A 1 39 ? -0.960  -3.993  8.430   1.00 5.05  ? 38  LEU A CG  1 
ATOM   272 C CD1 . LEU A 1 39 ? -1.592  -5.297  7.972   1.00 6.15  ? 38  LEU A CD1 1 
ATOM   273 C CD2 . LEU A 1 39 ? -0.005  -4.203  9.617   1.00 6.10  ? 38  LEU A CD2 1 
ATOM   274 N N   . HIS A 1 40 ? -3.332  -2.676  5.503   1.00 5.41  ? 39  HIS A N   1 
ATOM   275 C CA  . HIS A 1 40 ? -4.628  -1.983  5.647   1.00 5.13  ? 39  HIS A CA  1 
ATOM   276 C C   . HIS A 1 40 ? -5.697  -2.832  6.301   1.00 5.31  ? 39  HIS A C   1 
ATOM   277 O O   . HIS A 1 40 ? -6.775  -2.336  6.646   1.00 5.18  ? 39  HIS A O   1 
ATOM   278 C CB  . HIS A 1 40 ? -5.156  -1.507  4.291   1.00 5.07  ? 39  HIS A CB  1 
ATOM   279 C CG  . HIS A 1 40 ? -4.942  -2.484  3.178   1.00 5.10  ? 39  HIS A CG  1 
ATOM   280 N ND1 . HIS A 1 40 ? -5.596  -3.695  3.108   1.00 5.91  ? 39  HIS A ND1 1 
ATOM   281 C CD2 . HIS A 1 40 ? -4.160  -2.415  2.079   1.00 4.60  ? 39  HIS A CD2 1 
ATOM   282 C CE1 . HIS A 1 40 ? -5.227  -4.330  2.010   1.00 7.06  ? 39  HIS A CE1 1 
ATOM   283 N NE2 . HIS A 1 40 ? -4.344  -3.582  1.373   1.00 5.76  ? 39  HIS A NE2 1 
ATOM   284 N N   . GLY A 1 41 ? -5.405  -4.120  6.424   1.00 5.82  ? 40  GLY A N   1 
ATOM   285 C CA  . GLY A 1 41 ? -6.333  -5.053  7.011   1.00 6.14  ? 40  GLY A CA  1 
ATOM   286 C C   . GLY A 1 41 ? -7.453  -5.438  6.074   1.00 7.14  ? 40  GLY A C   1 
ATOM   287 O O   . GLY A 1 41 ? -7.526  -4.971  4.927   1.00 6.30  ? 40  GLY A O   1 
ATOM   288 N N   . LYS A 1 42 ? -8.346  -6.285  6.577   1.00 7.87  ? 41  LYS A N   1 
ATOM   289 C CA  . LYS A 1 42 ? -9.421  -6.812  5.751   1.00 8.66  ? 41  LYS A CA  1 
ATOM   290 C C   . LYS A 1 42 ? -10.716 -6.078  6.044   1.00 9.31  ? 41  LYS A C   1 
ATOM   291 O O   . LYS A 1 42 ? -11.014 -5.079  5.382   1.00 9.25  ? 41  LYS A O   1 
ATOM   292 C CB  . LYS A 1 42 ? -9.521  -8.333  5.904   1.00 8.89  ? 41  LYS A CB  1 
ATOM   293 C CG  . LYS A 1 42 ? -8.293  -9.052  5.365   1.00 9.45  ? 41  LYS A CG  1 
ATOM   294 C CD  . LYS A 1 42 ? -8.310  -10.533 5.654   1.00 12.05 ? 41  LYS A CD  1 
ATOM   295 C CE  . LYS A 1 42 ? -7.034  -11.184 5.129   1.00 14.75 ? 41  LYS A CE  1 
ATOM   296 N NZ  . LYS A 1 42 ? -6.858  -12.586 5.623   1.00 17.87 ? 41  LYS A NZ  1 
ATOM   297 N N   . GLY A 1 43 ? -11.464 -6.523  7.055   1.00 9.52  ? 42  GLY A N   1 
ATOM   298 C CA  . GLY A 1 43 ? -12.671 -5.794  7.474   1.00 10.08 ? 42  GLY A CA  1 
ATOM   299 C C   . GLY A 1 43 ? -13.700 -5.633  6.376   1.00 9.24  ? 42  GLY A C   1 
ATOM   300 O O   . GLY A 1 43 ? -14.132 -6.611  5.765   1.00 10.34 ? 42  GLY A O   1 
ATOM   301 N N   . THR A 1 44 ? -14.098 -4.392  6.128   1.00 8.72  ? 43  THR A N   1 
ATOM   302 C CA  . THR A 1 44 ? -15.078 -4.095  5.074   1.00 7.76  ? 43  THR A CA  1 
ATOM   303 C C   . THR A 1 44 ? -14.456 -4.134  3.685   1.00 7.73  ? 43  THR A C   1 
ATOM   304 O O   . THR A 1 44 ? -15.171 -4.055  2.676   1.00 7.16  ? 43  THR A O   1 
ATOM   305 C CB  . THR A 1 44 ? -15.693 -2.696  5.236   1.00 8.82  ? 43  THR A CB  1 
ATOM   306 O OG1 . THR A 1 44 ? -14.656 -1.703  5.148   1.00 7.62  ? 43  THR A OG1 1 
ATOM   307 C CG2 . THR A 1 44 ? -16.413 -2.572  6.570   1.00 7.82  ? 43  THR A CG2 1 
ATOM   308 N N   . GLY A 1 45 ? -13.126 -4.183  3.630   1.00 6.62  ? 44  GLY A N   1 
ATOM   309 C CA  . GLY A 1 45 ? -12.425 -4.114  2.346   1.00 6.49  ? 44  GLY A CA  1 
ATOM   310 C C   . GLY A 1 45 ? -12.319 -2.715  1.761   1.00 5.91  ? 44  GLY A C   1 
ATOM   311 O O   . GLY A 1 45 ? -11.692 -2.535  0.718   1.00 5.38  ? 44  GLY A O   1 
ATOM   312 N N   . ALA A 1 46 ? -12.927 -1.720  2.416   1.00 4.88  ? 45  ALA A N   1 
ATOM   313 C CA  . ALA A 1 46 ? -12.952 -0.360  1.863   1.00 5.12  ? 45  ALA A CA  1 
ATOM   314 C C   . ALA A 1 46 ? -11.550 0.204   1.664   1.00 4.88  ? 45  ALA A C   1 
ATOM   315 O O   . ALA A 1 46 ? -11.277 0.853   0.641   1.00 5.43  ? 45  ALA A O   1 
ATOM   316 C CB  . ALA A 1 46 ? -13.798 0.569   2.753   1.00 5.23  ? 45  ALA A CB  1 
ATOM   317 N N   . LEU A 1 47 ? -10.656 -0.046  2.626   1.00 4.79  ? 46  LEU A N   1 
ATOM   318 C CA  . LEU A 1 47 ? -9.259  0.385   2.451   1.00 4.79  ? 46  LEU A CA  1 
ATOM   319 C C   . LEU A 1 47 ? -8.569  -0.332  1.300   1.00 4.71  ? 46  LEU A C   1 
ATOM   320 O O   . LEU A 1 47 ? -7.948  0.321   0.456   1.00 4.08  ? 46  LEU A O   1 
ATOM   321 C CB  . LEU A 1 47 ? -8.457  0.248   3.747   1.00 4.98  ? 46  LEU A CB  1 
ATOM   322 C CG  . LEU A 1 47 ? -8.878  1.083   4.962   1.00 6.14  ? 46  LEU A CG  1 
ATOM   323 C CD1 . LEU A 1 47 ? -7.773  1.009   6.019   1.00 5.63  ? 46  LEU A CD1 1 
ATOM   324 C CD2 . LEU A 1 47 ? -9.132  2.548   4.602   1.00 7.10  ? 46  LEU A CD2 1 
ATOM   325 N N   . ARG A 1 48 ? -8.669  -1.665  1.263   1.00 4.89  ? 47  ARG A N   1 
ATOM   326 C CA  . ARG A 1 48 ? -8.019  -2.441  0.208   1.00 4.68  ? 47  ARG A CA  1 
ATOM   327 C C   . ARG A 1 48 ? -8.456  -1.920  -1.161  1.00 5.01  ? 47  ARG A C   1 
ATOM   328 O O   . ARG A 1 48 ? -7.617  -1.652  -2.029  1.00 4.92  ? 47  ARG A O   1 
ATOM   329 C CB  . ARG A 1 48 ? -8.318  -3.941  0.342   1.00 5.00  ? 47  ARG A CB  1 
ATOM   330 C CG  . ARG A 1 48 ? -7.701  -4.789  -0.782  1.00 5.21  ? 47  ARG A CG  1 
ATOM   331 C CD  . ARG A 1 48 ? -8.082  -6.274  -0.611  1.00 4.86  ? 47  ARG A CD  1 
ATOM   332 N NE  . ARG A 1 48 ? -7.588  -7.074  -1.737  1.00 5.89  ? 47  ARG A NE  1 
ATOM   333 C CZ  . ARG A 1 48 ? -8.212  -7.187  -2.913  1.00 6.77  ? 47  ARG A CZ  1 
ATOM   334 N NH1 . ARG A 1 48 ? -9.362  -6.554  -3.150  1.00 6.93  ? 47  ARG A NH1 1 
ATOM   335 N NH2 . ARG A 1 48 ? -7.671  -7.916  -3.877  1.00 7.25  ? 47  ARG A NH2 1 
ATOM   336 N N   . GLN A 1 49 ? -9.768  -1.805  -1.364  1.00 5.46  ? 48  GLN A N   1 
ATOM   337 C CA  . GLN A 1 49 ? -10.274 -1.398  -2.669  1.00 6.59  ? 48  GLN A CA  1 
ATOM   338 C C   . GLN A 1 49 ? -9.814  -0.007  -3.069  1.00 6.18  ? 48  GLN A C   1 
ATOM   339 O O   . GLN A 1 49 ? -9.372  0.202   -4.214  1.00 6.30  ? 48  GLN A O   1 
ATOM   340 C CB  . GLN A 1 49 ? -11.796 -1.484  -2.717  1.00 7.23  ? 48  GLN A CB  1 
ATOM   341 C CG  . GLN A 1 49 ? -12.346 -1.222  -4.119  1.00 10.48 ? 48  GLN A CG  1 
ATOM   342 C CD  . GLN A 1 49 ? -13.633 -1.975  -4.372  1.00 16.42 ? 48  GLN A CD  1 
ATOM   343 O OE1 . GLN A 1 49 ? -14.623 -1.754  -3.697  1.00 15.83 ? 48  GLN A OE1 1 
ATOM   344 N NE2 . GLN A 1 49 ? -13.623 -2.867  -5.371  1.00 21.05 ? 48  GLN A NE2 1 
ATOM   345 N N   . ALA A 1 50 ? -9.916  0.943   -2.132  1.00 5.52  ? 49  ALA A N   1 
ATOM   346 C CA  . ALA A 1 50 ? -9.555  2.328   -2.421  1.00 5.72  ? 49  ALA A CA  1 
ATOM   347 C C   . ALA A 1 50 ? -8.062  2.459   -2.694  1.00 5.42  ? 49  ALA A C   1 
ATOM   348 O O   . ALA A 1 50 ? -7.647  3.155   -3.619  1.00 5.39  ? 49  ALA A O   1 
ATOM   349 C CB  . ALA A 1 50 ? -9.976  3.256   -1.284  1.00 6.01  ? 49  ALA A CB  1 
ATOM   350 N N   . ILE A 1 51 ? -7.259  1.759   -1.895  1.00 4.57  ? 50  ILE A N   1 
ATOM   351 C CA  . ILE A 1 51 ? -5.808  1.755   -2.086  1.00 4.09  ? 50  ILE A CA  1 
ATOM   352 C C   . ILE A 1 51 ? -5.389  1.140   -3.438  1.00 4.30  ? 50  ILE A C   1 
ATOM   353 O O   . ILE A 1 51 ? -4.572  1.725   -4.179  1.00 4.02  ? 50  ILE A O   1 
ATOM   354 C CB  . ILE A 1 51 ? -5.108  1.055   -0.916  1.00 3.96  ? 50  ILE A CB  1 
ATOM   355 C CG1 . ILE A 1 51 ? -5.247  1.907   0.337   1.00 3.40  ? 50  ILE A CG1 1 
ATOM   356 C CG2 . ILE A 1 51 ? -3.615  0.788   -1.259  1.00 3.95  ? 50  ILE A CG2 1 
ATOM   357 C CD1 . ILE A 1 51 ? -4.920  1.163   1.633   1.00 4.60  ? 50  ILE A CD1 1 
ATOM   358 N N   . ARG A 1 52 ? -5.946  -0.016  -3.776  1.00 4.99  ? 51  ARG A N   1 
ATOM   359 C CA  . ARG A 1 52 ? -5.600  -0.646  -5.052  1.00 5.37  ? 51  ARG A CA  1 
ATOM   360 C C   . ARG A 1 52 ? -5.908  0.288   -6.222  1.00 5.71  ? 51  ARG A C   1 
ATOM   361 O O   . ARG A 1 52 ? -5.085  0.439   -7.125  1.00 5.84  ? 51  ARG A O   1 
ATOM   362 C CB  . ARG A 1 52 ? -6.315  -1.983  -5.226  1.00 5.60  ? 51  ARG A CB  1 
ATOM   363 C CG  . ARG A 1 52 ? -5.746  -3.076  -4.318  1.00 4.95  ? 51  ARG A CG  1 
ATOM   364 C CD  . ARG A 1 52 ? -6.656  -4.308  -4.233  1.00 5.16  ? 51  ARG A CD  1 
ATOM   365 N NE  . ARG A 1 52 ? -6.812  -5.030  -5.500  1.00 6.11  ? 51  ARG A NE  1 
ATOM   366 C CZ  . ARG A 1 52 ? -5.955  -5.946  -5.970  1.00 7.48  ? 51  ARG A CZ  1 
ATOM   367 N NH1 . ARG A 1 52 ? -4.837  -6.243  -5.316  1.00 6.26  ? 51  ARG A NH1 1 
ATOM   368 N NH2 . ARG A 1 52 ? -6.226  -6.575  -7.105  1.00 7.42  ? 51  ARG A NH2 1 
ATOM   369 N N   . GLU A 1 53 ? -7.065  0.946   -6.186  1.00 5.84  ? 52  GLU A N   1 
ATOM   370 C CA  . GLU A 1 53 ? -7.410  1.864   -7.278  1.00 6.98  ? 52  GLU A CA  1 
ATOM   371 C C   . GLU A 1 53 ? -6.459  3.081   -7.340  1.00 7.00  ? 52  GLU A C   1 
ATOM   372 O O   . GLU A 1 53 ? -6.014  3.501   -8.422  1.00 7.11  ? 52  GLU A O   1 
ATOM   373 C CB  . GLU A 1 53 ? -8.886  2.276   -7.194  1.00 7.96  ? 52  GLU A CB  1 
ATOM   374 C CG  . GLU A 1 53 ? -9.349  3.117   -8.388  1.00 10.22 ? 52  GLU A CG  1 
ATOM   375 C CD  . GLU A 1 53 ? -9.378  2.382   -9.740  1.00 13.62 ? 52  GLU A CD  1 
ATOM   376 O OE1 . GLU A 1 53 ? -9.228  1.142   -9.814  1.00 12.09 ? 52  GLU A OE1 1 
ATOM   377 O OE2 . GLU A 1 53 ? -9.580  3.083   -10.764 1.00 15.76 ? 52  GLU A OE2 1 
ATOM   378 N N   . ALA A 1 54 ? -6.107  3.625   -6.171  1.00 6.18  ? 53  ALA A N   1 
ATOM   379 C CA  . ALA A 1 54 ? -5.118  4.706   -6.126  1.00 6.26  ? 53  ALA A CA  1 
ATOM   380 C C   . ALA A 1 54 ? -3.772  4.275   -6.733  1.00 6.38  ? 53  ALA A C   1 
ATOM   381 O O   . ALA A 1 54 ? -3.121  5.040   -7.482  1.00 6.62  ? 53  ALA A O   1 
ATOM   382 C CB  . ALA A 1 54 ? -4.936  5.197   -4.701  1.00 6.60  ? 53  ALA A CB  1 
ATOM   383 N N   . LEU A 1 55 ? -3.366  3.037   -6.439  1.00 5.39  ? 54  LEU A N   1 
ATOM   384 C CA  . LEU A 1 55 ? -2.076  2.518   -6.925  1.00 4.82  ? 54  LEU A CA  1 
ATOM   385 C C   . LEU A 1 55 ? -2.081  2.346   -8.439  1.00 4.57  ? 54  LEU A C   1 
ATOM   386 O O   . LEU A 1 55 ? -1.062  2.588   -9.085  1.00 5.37  ? 54  LEU A O   1 
ATOM   387 C CB  . LEU A 1 55 ? -1.739  1.191   -6.248  1.00 4.39  ? 54  LEU A CB  1 
ATOM   388 C CG  . LEU A 1 55 ? -1.448  1.262   -4.746  1.00 4.25  ? 54  LEU A CG  1 
ATOM   389 C CD1 . LEU A 1 55 ? -1.334  -0.146  -4.144  1.00 4.94  ? 54  LEU A CD1 1 
ATOM   390 C CD2 . LEU A 1 55 ? -0.180  2.114   -4.415  1.00 5.85  ? 54  LEU A CD2 1 
ATOM   391 N N   . ARG A 1 56 ? -3.221  1.940   -8.992  1.00 5.11  ? 55  ARG A N   1 
ATOM   392 C CA  . ARG A 1 56 ? -3.368  1.859   -10.454 1.00 5.39  ? 55  ARG A CA  1 
ATOM   393 C C   . ARG A 1 56 ? -3.044  3.178   -11.138 1.00 6.55  ? 55  ARG A C   1 
ATOM   394 O O   . ARG A 1 56 ? -2.477  3.179   -12.242 1.00 6.79  ? 55  ARG A O   1 
ATOM   395 C CB  . ARG A 1 56 ? -4.781  1.414   -10.867 1.00 4.94  ? 55  ARG A CB  1 
ATOM   396 C CG  . ARG A 1 56 ? -5.074  -0.021  -10.422 1.00 4.99  ? 55  ARG A CG  1 
ATOM   397 C CD  . ARG A 1 56 ? -6.365  -0.564  -11.031 1.00 6.23  ? 55  ARG A CD  1 
ATOM   398 N NE  . ARG A 1 56 ? -6.538  -1.921  -10.518 1.00 7.27  ? 55  ARG A NE  1 
ATOM   399 C CZ  . ARG A 1 56 ? -7.297  -2.240  -9.470  1.00 7.70  ? 55  ARG A CZ  1 
ATOM   400 N NH1 . ARG A 1 56 ? -8.011  -1.312  -8.842  1.00 8.03  ? 55  ARG A NH1 1 
ATOM   401 N NH2 . ARG A 1 56 ? -7.323  -3.497  -9.040  1.00 7.02  ? 55  ARG A NH2 1 
ATOM   402 N N   . ARG A 1 57 ? -3.378  4.289   -10.474 1.00 7.76  ? 56  ARG A N   1 
ATOM   403 C CA  . ARG A 1 57 ? -3.225  5.626   -11.055 1.00 8.56  ? 56  ARG A CA  1 
ATOM   404 C C   . ARG A 1 57 ? -1.891  6.280   -10.710 1.00 9.24  ? 56  ARG A C   1 
ATOM   405 O O   . ARG A 1 57 ? -1.569  7.366   -11.210 1.00 9.44  ? 56  ARG A O   1 
ATOM   406 C CB  . ARG A 1 57 ? -4.363  6.527   -10.552 1.00 9.06  ? 56  ARG A CB  1 
ATOM   407 C CG  . ARG A 1 57 ? -5.746  6.047   -10.901 1.00 11.48 ? 56  ARG A CG  1 
ATOM   408 C CD  . ARG A 1 57 ? -6.805  6.674   -10.013 1.00 17.44 ? 56  ARG A CD  1 
ATOM   409 N NE  . ARG A 1 57 ? -7.218  8.005   -10.446 1.00 26.07 ? 56  ARG A NE  1 
ATOM   410 C CZ  . ARG A 1 57 ? -6.649  9.148   -10.059 1.00 28.61 ? 56  ARG A CZ  1 
ATOM   411 N NH1 . ARG A 1 57 ? -5.615  9.144   -9.224  1.00 30.96 ? 56  ARG A NH1 1 
ATOM   412 N NH2 . ARG A 1 57 ? -7.123  10.304  -10.509 1.00 30.05 ? 56  ARG A NH2 1 
ATOM   413 N N   . ASP A 1 58 ? -1.098  5.611   -9.875  1.00 8.76  ? 57  ASP A N   1 
ATOM   414 C CA  . ASP A 1 58 ? 0.098   6.219   -9.308  1.00 9.22  ? 57  ASP A CA  1 
ATOM   415 C C   . ASP A 1 58 ? 1.368   5.921   -10.109 1.00 9.89  ? 57  ASP A C   1 
ATOM   416 O O   . ASP A 1 58 ? 1.802   4.772   -10.205 1.00 9.23  ? 57  ASP A O   1 
ATOM   417 C CB  . ASP A 1 58 ? 0.267   5.783   -7.851  1.00 8.86  ? 57  ASP A CB  1 
ATOM   418 C CG  . ASP A 1 58 ? 1.127   6.747   -7.057  1.00 9.77  ? 57  ASP A CG  1 
ATOM   419 O OD1 . ASP A 1 58 ? 2.247   7.071   -7.506  1.00 11.14 ? 57  ASP A OD1 1 
ATOM   420 O OD2 . ASP A 1 58 ? 0.668   7.217   -5.992  1.00 11.37 ? 57  ASP A OD2 1 
ATOM   421 N N   . LYS A 1 59 ? 1.968   6.968   -10.670 1.00 10.81 ? 58  LYS A N   1 
ATOM   422 C CA  . LYS A 1 59 ? 3.157   6.797   -11.516 1.00 11.55 ? 58  LYS A CA  1 
ATOM   423 C C   . LYS A 1 59 ? 4.431   6.348   -10.777 1.00 11.23 ? 58  LYS A C   1 
ATOM   424 O O   . LYS A 1 59 ? 5.455   6.063   -11.419 1.00 11.51 ? 58  LYS A O   1 
ATOM   425 C CB  . LYS A 1 59 ? 3.404   8.063   -12.339 1.00 12.49 ? 58  LYS A CB  1 
ATOM   426 C CG  . LYS A 1 59 ? 2.341   8.255   -13.410 1.00 16.12 ? 58  LYS A CG  1 
ATOM   427 C CD  . LYS A 1 59 ? 2.542   9.544   -14.193 1.00 20.44 ? 58  LYS A CD  1 
ATOM   428 C CE  . LYS A 1 59 ? 1.560   9.621   -15.366 1.00 23.28 ? 58  LYS A CE  1 
ATOM   429 N NZ  . LYS A 1 59 ? 0.160   9.785   -14.896 1.00 25.13 ? 58  LYS A NZ  1 
ATOM   430 N N   . ARG A 1 60 ? 4.370   6.289   -9.447  1.00 9.56  ? 59  ARG A N   1 
ATOM   431 C CA  . ARG A 1 60 ? 5.483   5.792   -8.637  1.00 9.28  ? 59  ARG A CA  1 
ATOM   432 C C   . ARG A 1 60 ? 5.478   4.278   -8.505  1.00 9.23  ? 59  ARG A C   1 
ATOM   433 O O   . ARG A 1 60 ? 6.424   3.701   -7.964  1.00 10.46 ? 59  ARG A O   1 
ATOM   434 C CB  . ARG A 1 60 ? 5.456   6.410   -7.245  1.00 9.45  ? 59  ARG A CB  1 
ATOM   435 C CG  . ARG A 1 60 ? 5.763   7.895   -7.276  1.00 8.06  ? 59  ARG A CG  1 
ATOM   436 C CD  . ARG A 1 60 ? 5.430   8.556   -5.965  1.00 9.27  ? 59  ARG A CD  1 
ATOM   437 N NE  . ARG A 1 60 ? 4.003   8.447   -5.660  1.00 7.67  ? 59  ARG A NE  1 
ATOM   438 C CZ  . ARG A 1 60 ? 3.405   9.088   -4.660  1.00 8.52  ? 59  ARG A CZ  1 
ATOM   439 N NH1 . ARG A 1 60 ? 4.121   9.891   -3.879  1.00 10.06 ? 59  ARG A NH1 1 
ATOM   440 N NH2 . ARG A 1 60 ? 2.104   8.933   -4.439  1.00 9.51  ? 59  ARG A NH2 1 
ATOM   441 N N   . VAL A 1 61 ? 4.400   3.653   -8.977  1.00 8.17  ? 60  VAL A N   1 
ATOM   442 C CA  . VAL A 1 61 ? 4.170   2.218   -8.771  1.00 7.88  ? 60  VAL A CA  1 
ATOM   443 C C   . VAL A 1 61 ? 4.460   1.438   -10.050 1.00 8.01  ? 60  VAL A C   1 
ATOM   444 O O   . VAL A 1 61 ? 3.939   1.763   -11.122 1.00 8.38  ? 60  VAL A O   1 
ATOM   445 C CB  . VAL A 1 61 ? 2.701   1.954   -8.336  1.00 7.52  ? 60  VAL A CB  1 
ATOM   446 C CG1 . VAL A 1 61 ? 2.403   0.461   -8.232  1.00 8.43  ? 60  VAL A CG1 1 
ATOM   447 C CG2 . VAL A 1 61 ? 2.393   2.666   -7.030  1.00 7.23  ? 60  VAL A CG2 1 
ATOM   448 N N   . GLU A 1 62 ? 5.285   0.400   -9.925  1.00 8.10  ? 61  GLU A N   1 
ATOM   449 C CA  . GLU A 1 62 ? 5.493   -0.531  -11.026 1.00 9.53  ? 61  GLU A CA  1 
ATOM   450 C C   . GLU A 1 62 ? 4.390   -1.593  -11.037 1.00 9.27  ? 61  GLU A C   1 
ATOM   451 O O   . GLU A 1 62 ? 3.764   -1.839  -12.065 1.00 9.71  ? 61  GLU A O   1 
ATOM   452 C CB  . GLU A 1 62 ? 6.861   -1.174  -10.939 1.00 10.40 ? 61  GLU A CB  1 
ATOM   453 C CG  . GLU A 1 62 ? 7.139   -2.094  -12.110 1.00 15.90 ? 61  GLU A CG  1 
ATOM   454 C CD  . GLU A 1 62 ? 8.575   -2.514  -12.181 1.00 22.20 ? 61  GLU A CD  1 
ATOM   455 O OE1 . GLU A 1 62 ? 9.008   -3.282  -11.289 1.00 24.36 ? 61  GLU A OE1 1 
ATOM   456 O OE2 . GLU A 1 62 ? 9.257   -2.084  -13.144 1.00 24.80 ? 61  GLU A OE2 1 
ATOM   457 N N   . SER A 1 63 ? 4.173   -2.237  -9.893  1.00 8.02  ? 62  SER A N   1 
ATOM   458 C CA  . SER A 1 63 ? 3.105   -3.233  -9.793  1.00 7.67  ? 62  SER A CA  1 
ATOM   459 C C   . SER A 1 63 ? 2.695   -3.387  -8.336  1.00 6.66  ? 62  SER A C   1 
ATOM   460 O O   . SER A 1 63 ? 3.381   -2.899  -7.438  1.00 6.49  ? 62  SER A O   1 
ATOM   461 C CB  . SER A 1 63 ? 3.560   -4.574  -10.379 1.00 7.41  ? 62  SER A CB  1 
ATOM   462 O OG  . SER A 1 63 ? 4.650   -5.124  -9.641  1.00 7.17  ? 62  SER A OG  1 
ATOM   463 N N   . PHE A 1 64 ? 1.549   -4.009  -8.107  1.00 6.07  ? 63  PHE A N   1 
ATOM   464 C CA  . PHE A 1 64 ? 1.124   -4.300  -6.737  1.00 4.69  ? 63  PHE A CA  1 
ATOM   465 C C   . PHE A 1 64 ? 0.285   -5.558  -6.737  1.00 5.10  ? 63  PHE A C   1 
ATOM   466 O O   . PHE A 1 64 ? -0.265  -5.945  -7.778  1.00 5.08  ? 63  PHE A O   1 
ATOM   467 C CB  . PHE A 1 64 ? 0.325   -3.125  -6.148  1.00 5.04  ? 63  PHE A CB  1 
ATOM   468 C CG  . PHE A 1 64 ? -0.991  -2.902  -6.837  1.00 3.99  ? 63  PHE A CG  1 
ATOM   469 C CD1 . PHE A 1 64 ? -2.122  -3.624  -6.454  1.00 3.85  ? 63  PHE A CD1 1 
ATOM   470 C CD2 . PHE A 1 64 ? -1.096  -1.985  -7.882  1.00 6.28  ? 63  PHE A CD2 1 
ATOM   471 C CE1 . PHE A 1 64 ? -3.353  -3.432  -7.106  1.00 5.96  ? 63  PHE A CE1 1 
ATOM   472 C CE2 . PHE A 1 64 ? -2.309  -1.791  -8.532  1.00 5.69  ? 63  PHE A CE2 1 
ATOM   473 C CZ  . PHE A 1 64 ? -3.433  -2.514  -8.147  1.00 6.56  ? 63  PHE A CZ  1 
ATOM   474 N N   . ALA A 1 65 ? 0.185   -6.188  -5.568  1.00 4.63  ? 64  ALA A N   1 
ATOM   475 C CA  . ALA A 1 65 ? -0.596  -7.417  -5.403  1.00 5.07  ? 64  ALA A CA  1 
ATOM   476 C C   . ALA A 1 65 ? -0.873  -7.639  -3.934  1.00 4.64  ? 64  ALA A C   1 
ATOM   477 O O   . ALA A 1 65 ? -0.158  -7.115  -3.084  1.00 4.95  ? 64  ALA A O   1 
ATOM   478 C CB  . ALA A 1 65 ? 0.179   -8.605  -5.940  1.00 4.89  ? 64  ALA A CB  1 
ATOM   479 N N   . ASP A 1 66 ? -1.929  -8.389  -3.634  1.00 4.37  ? 65  ASP A N   1 
ATOM   480 C CA  . ASP A 1 66 ? -2.132  -8.875  -2.268  1.00 5.15  ? 65  ASP A CA  1 
ATOM   481 C C   . ASP A 1 66 ? -0.916  -9.682  -1.851  1.00 5.14  ? 65  ASP A C   1 
ATOM   482 O O   . ASP A 1 66 ? -0.319  -10.404 -2.679  1.00 5.34  ? 65  ASP A O   1 
ATOM   483 C CB  . ASP A 1 66 ? -3.354  -9.797  -2.215  1.00 4.48  ? 65  ASP A CB  1 
ATOM   484 C CG  . ASP A 1 66 ? -4.643  -9.062  -2.465  1.00 6.48  ? 65  ASP A CG  1 
ATOM   485 O OD1 . ASP A 1 66 ? -4.891  -8.072  -1.743  1.00 6.99  ? 65  ASP A OD1 1 
ATOM   486 O OD2 . ASP A 1 66 ? -5.402  -9.493  -3.367  1.00 6.65  ? 65  ASP A OD2 1 
ATOM   487 N N   . ALA A 1 67 ? -0.552  -9.556  -0.579  1.00 5.62  ? 66  ALA A N   1 
ATOM   488 C CA  . ALA A 1 67 ? 0.432   -10.448 0.040   1.00 6.43  ? 66  ALA A CA  1 
ATOM   489 C C   . ALA A 1 67 ? -0.114  -11.885 -0.019  1.00 7.06  ? 66  ALA A C   1 
ATOM   490 O O   . ALA A 1 67 ? -1.342  -12.096 -0.016  1.00 7.89  ? 66  ALA A O   1 
ATOM   491 C CB  . ALA A 1 67 ? 0.705   -10.033 1.473   1.00 6.87  ? 66  ALA A CB  1 
ATOM   492 N N   . PRO A 1 68 ? 0.793   -12.877 -0.104  1.00 7.50  ? 67  PRO A N   1 
ATOM   493 C CA  . PRO A 1 68 ? 0.348   -14.280 -0.078  1.00 8.24  ? 67  PRO A CA  1 
ATOM   494 C C   . PRO A 1 68 ? -0.192  -14.674 1.291   1.00 9.07  ? 67  PRO A C   1 
ATOM   495 O O   . PRO A 1 68 ? 0.091   -13.985 2.291   1.00 9.45  ? 67  PRO A O   1 
ATOM   496 C CB  . PRO A 1 68 ? 1.630   -15.078 -0.381  1.00 7.78  ? 67  PRO A CB  1 
ATOM   497 C CG  . PRO A 1 68 ? 2.744   -14.193 -0.009  1.00 8.33  ? 67  PRO A CG  1 
ATOM   498 C CD  . PRO A 1 68 ? 2.258   -12.752 -0.219  1.00 8.20  ? 67  PRO A CD  1 
ATOM   499 N N   . PRO A 1 69 ? -0.978  -15.764 1.344   1.00 9.59  ? 68  PRO A N   1 
ATOM   500 C CA  . PRO A 1 69 ? -1.424  -16.251 2.650   1.00 10.13 ? 68  PRO A CA  1 
ATOM   501 C C   . PRO A 1 69 ? -0.218  -16.532 3.553   1.00 10.14 ? 68  PRO A C   1 
ATOM   502 O O   . PRO A 1 69 ? 0.744   -17.154 3.109   1.00 9.58  ? 68  PRO A O   1 
ATOM   503 C CB  . PRO A 1 69 ? -2.195  -17.537 2.321   1.00 10.67 ? 68  PRO A CB  1 
ATOM   504 C CG  . PRO A 1 69 ? -1.980  -17.822 0.900   1.00 10.99 ? 68  PRO A CG  1 
ATOM   505 C CD  . PRO A 1 69 ? -1.493  -16.571 0.222   1.00 10.05 ? 68  PRO A CD  1 
ATOM   506 N N   . GLY A 1 70 ? -0.273  -16.066 4.802   1.00 10.61 ? 69  GLY A N   1 
ATOM   507 C CA  . GLY A 1 70 ? 0.834   -16.223 5.741   1.00 11.02 ? 69  GLY A CA  1 
ATOM   508 C C   . GLY A 1 70 ? 1.722   -15.010 5.841   1.00 11.05 ? 69  GLY A C   1 
ATOM   509 O O   . GLY A 1 70 ? 2.539   -14.910 6.756   1.00 11.60 ? 69  GLY A O   1 
ATOM   510 N N   . GLU A 1 71 ? 1.572   -14.084 4.885   1.00 10.33 ? 70  GLU A N   1 
ATOM   511 C CA  . GLU A 1 71 ? 2.278   -12.807 4.906   1.00 9.71  ? 70  GLU A CA  1 
ATOM   512 C C   . GLU A 1 71 ? 1.322   -11.614 4.883   1.00 9.43  ? 70  GLU A C   1 
ATOM   513 O O   . GLU A 1 71 ? 1.710   -10.511 4.514   1.00 10.04 ? 70  GLU A O   1 
ATOM   514 C CB  . GLU A 1 71 ? 3.294   -12.730 3.772   1.00 9.57  ? 70  GLU A CB  1 
ATOM   515 C CG  . GLU A 1 71 ? 4.528   -13.587 4.076   1.00 10.23 ? 70  GLU A CG  1 
ATOM   516 C CD  . GLU A 1 71 ? 5.556   -13.592 2.974   1.00 11.97 ? 70  GLU A CD  1 
ATOM   517 O OE1 . GLU A 1 71 ? 5.374   -12.861 1.970   1.00 13.17 ? 70  GLU A OE1 1 
ATOM   518 O OE2 . GLU A 1 71 ? 6.554   -14.338 3.120   1.00 11.39 ? 70  GLU A OE2 1 
ATOM   519 N N   . GLY A 1 72 ? 0.087   -11.855 5.299   1.00 9.15  ? 71  GLY A N   1 
ATOM   520 C CA  . GLY A 1 72 ? -0.915  -10.798 5.422   1.00 9.03  ? 71  GLY A CA  1 
ATOM   521 C C   . GLY A 1 72 ? -2.131  -11.014 4.556   1.00 8.53  ? 71  GLY A C   1 
ATOM   522 O O   . GLY A 1 72 ? -3.200  -10.434 4.813   1.00 8.60  ? 71  GLY A O   1 
ATOM   523 N N   . GLY A 1 73 ? -1.977  -11.833 3.515   1.00 7.96  ? 72  GLY A N   1 
ATOM   524 C CA  . GLY A 1 73 ? -3.056  -12.109 2.582   1.00 7.43  ? 72  GLY A CA  1 
ATOM   525 C C   . GLY A 1 73 ? -3.616  -10.805 2.039   1.00 7.17  ? 72  GLY A C   1 
ATOM   526 O O   . GLY A 1 73 ? -2.865  -9.844  1.812   1.00 6.31  ? 72  GLY A O   1 
ATOM   527 N N   . HIS A 1 74 ? -4.942  -10.775 1.876   1.00 6.84  ? 73  HIS A N   1 
ATOM   528 C CA  . HIS A 1 74 ? -5.647  -9.606  1.315   1.00 7.05  ? 73  HIS A CA  1 
ATOM   529 C C   . HIS A 1 74 ? -5.698  -8.403  2.285   1.00 6.92  ? 73  HIS A C   1 
ATOM   530 O O   . HIS A 1 74 ? -6.278  -7.367  1.952   1.00 7.12  ? 73  HIS A O   1 
ATOM   531 C CB  . HIS A 1 74 ? -7.076  -9.987  0.864   1.00 7.54  ? 73  HIS A CB  1 
ATOM   532 C CG  . HIS A 1 74 ? -7.129  -10.818 -0.391  1.00 8.91  ? 73  HIS A CG  1 
ATOM   533 N ND1 . HIS A 1 74 ? -8.176  -10.746 -1.288  1.00 10.18 ? 73  HIS A ND1 1 
ATOM   534 C CD2 . HIS A 1 74 ? -6.270  -11.741 -0.888  1.00 9.32  ? 73  HIS A CD2 1 
ATOM   535 C CE1 . HIS A 1 74 ? -7.952  -11.582 -2.290  1.00 10.14 ? 73  HIS A CE1 1 
ATOM   536 N NE2 . HIS A 1 74 ? -6.804  -12.196 -2.072  1.00 10.57 ? 73  HIS A NE2 1 
ATOM   537 N N   . GLY A 1 75 ? -5.098  -8.540  3.471   1.00 5.95  ? 74  GLY A N   1 
ATOM   538 C CA  . GLY A 1 75 ? -4.951  -7.419  4.407   1.00 5.20  ? 74  GLY A CA  1 
ATOM   539 C C   . GLY A 1 75 ? -3.688  -6.590  4.175   1.00 5.04  ? 74  GLY A C   1 
ATOM   540 O O   . GLY A 1 75 ? -3.472  -5.548  4.820   1.00 4.53  ? 74  GLY A O   1 
ATOM   541 N N   . VAL A 1 76 ? -2.837  -7.051  3.260   1.00 4.85  ? 75  VAL A N   1 
ATOM   542 C CA  . VAL A 1 76 ? -1.625  -6.298  2.934   1.00 4.90  ? 75  VAL A CA  1 
ATOM   543 C C   . VAL A 1 76 ? -1.501  -6.193  1.426   1.00 4.99  ? 75  VAL A C   1 
ATOM   544 O O   . VAL A 1 76 ? -1.637  -7.191  0.720   1.00 4.61  ? 75  VAL A O   1 
ATOM   545 C CB  . VAL A 1 76 ? -0.354  -6.956  3.520   1.00 4.84  ? 75  VAL A CB  1 
ATOM   546 C CG1 . VAL A 1 76 ? 0.917   -6.232  3.035   1.00 5.48  ? 75  VAL A CG1 1 
ATOM   547 C CG2 . VAL A 1 76 ? -0.415  -6.961  5.065   1.00 6.44  ? 75  VAL A CG2 1 
ATOM   548 N N   . THR A 1 77 ? -1.254  -4.977  0.944   1.00 4.50  ? 76  THR A N   1 
ATOM   549 C CA  . THR A 1 77 ? -0.917  -4.782  -0.465  1.00 4.14  ? 76  THR A CA  1 
ATOM   550 C C   . THR A 1 77 ? 0.582   -4.565  -0.566  1.00 3.81  ? 76  THR A C   1 
ATOM   551 O O   . THR A 1 77 ? 1.151   -3.666  0.066   1.00 4.85  ? 76  THR A O   1 
ATOM   552 C CB  . THR A 1 77 ? -1.656  -3.574  -1.091  1.00 4.19  ? 76  THR A CB  1 
ATOM   553 O OG1 . THR A 1 77 ? -3.060  -3.811  -1.072  1.00 4.41  ? 76  THR A OG1 1 
ATOM   554 C CG2 . THR A 1 77 ? -1.210  -3.397  -2.547  1.00 3.60  ? 76  THR A CG2 1 
ATOM   555 N N   . VAL A 1 78 ? 1.222   -5.408  -1.372  1.00 3.76  ? 77  VAL A N   1 
ATOM   556 C CA  . VAL A 1 78 ? 2.661   -5.338  -1.571  1.00 4.27  ? 77  VAL A CA  1 
ATOM   557 C C   . VAL A 1 78 ? 2.937   -4.583  -2.862  1.00 4.35  ? 77  VAL A C   1 
ATOM   558 O O   . VAL A 1 78 ? 2.507   -5.001  -3.928  1.00 5.21  ? 77  VAL A O   1 
ATOM   559 C CB  . VAL A 1 78 ? 3.255   -6.763  -1.650  1.00 3.61  ? 77  VAL A CB  1 
ATOM   560 C CG1 . VAL A 1 78 ? 4.777   -6.708  -1.763  1.00 5.09  ? 77  VAL A CG1 1 
ATOM   561 C CG2 . VAL A 1 78 ? 2.844   -7.558  -0.415  1.00 5.56  ? 77  VAL A CG2 1 
ATOM   562 N N   . VAL A 1 79 ? 3.659   -3.473  -2.732  1.00 4.27  ? 78  VAL A N   1 
ATOM   563 C CA  . VAL A 1 79 ? 3.910   -2.556  -3.848  1.00 4.85  ? 78  VAL A CA  1 
ATOM   564 C C   . VAL A 1 79 ? 5.356   -2.664  -4.323  1.00 5.59  ? 78  VAL A C   1 
ATOM   565 O O   . VAL A 1 79 ? 6.293   -2.531  -3.529  1.00 5.52  ? 78  VAL A O   1 
ATOM   566 C CB  . VAL A 1 79 ? 3.605   -1.077  -3.436  1.00 4.44  ? 78  VAL A CB  1 
ATOM   567 C CG1 . VAL A 1 79 ? 3.774   -0.132  -4.618  1.00 6.16  ? 78  VAL A CG1 1 
ATOM   568 C CG2 . VAL A 1 79 ? 2.170   -0.932  -2.843  1.00 5.30  ? 78  VAL A CG2 1 
ATOM   569 N N   . ALA A 1 80 ? 5.521   -2.914  -5.620  1.00 5.57  ? 79  ALA A N   1 
ATOM   570 C CA  . ALA A 1 80 ? 6.819   -2.809  -6.275  1.00 7.29  ? 79  ALA A CA  1 
ATOM   571 C C   . ALA A 1 80 ? 6.954   -1.396  -6.813  1.00 7.72  ? 79  ALA A C   1 
ATOM   572 O O   . ALA A 1 80 ? 6.155   -0.957  -7.648  1.00 8.08  ? 79  ALA A O   1 
ATOM   573 C CB  . ALA A 1 80 ? 6.931   -3.806  -7.402  1.00 6.95  ? 79  ALA A CB  1 
ATOM   574 N N   . LEU A 1 81 ? 7.988   -0.698  -6.368  1.00 9.11  ? 80  LEU A N   1 
ATOM   575 C CA  . LEU A 1 81 ? 8.176   0.699   -6.723  1.00 10.72 ? 80  LEU A CA  1 
ATOM   576 C C   . LEU A 1 81 ? 8.992   0.861   -7.995  1.00 12.41 ? 80  LEU A C   1 
ATOM   577 O O   . LEU A 1 81 ? 9.880   0.050   -8.286  1.00 12.61 ? 80  LEU A O   1 
ATOM   578 C CB  . LEU A 1 81 ? 8.873   1.421   -5.564  1.00 10.92 ? 80  LEU A CB  1 
ATOM   579 C CG  . LEU A 1 81 ? 8.107   1.354   -4.233  1.00 12.23 ? 80  LEU A CG  1 
ATOM   580 C CD1 . LEU A 1 81 ? 9.010   1.615   -3.050  1.00 14.61 ? 80  LEU A CD1 1 
ATOM   581 C CD2 . LEU A 1 81 ? 6.938   2.328   -4.269  1.00 15.49 ? 80  LEU A CD2 1 
ATOM   582 N N   . ARG A 1 82 ? 8.703   1.908   -8.753  1.00 14.22 ? 81  ARG A N   1 
ATOM   583 C CA  . ARG A 1 82 ? 9.614   2.260   -9.831  1.00 17.09 ? 81  ARG A CA  1 
ATOM   584 C C   . ARG A 1 82 ? 10.926  2.780   -9.226  1.00 18.14 ? 81  ARG A C   1 
ATOM   585 O O   . ARG A 1 82 ? 10.911  3.480   -8.206  1.00 18.48 ? 81  ARG A O   1 
ATOM   586 C CB  . ARG A 1 82 ? 8.976   3.244   -10.812 1.00 18.06 ? 81  ARG A CB  1 
ATOM   587 C CG  . ARG A 1 82 ? 8.229   2.503   -11.916 1.00 21.60 ? 81  ARG A CG  1 
ATOM   588 C CD  . ARG A 1 82 ? 7.255   3.389   -12.630 1.00 27.30 ? 81  ARG A CD  1 
ATOM   589 N NE  . ARG A 1 82 ? 7.682   3.733   -13.986 1.00 30.64 ? 81  ARG A NE  1 
ATOM   590 C CZ  . ARG A 1 82 ? 8.279   4.869   -14.332 1.00 32.74 ? 81  ARG A CZ  1 
ATOM   591 N NH1 . ARG A 1 82 ? 8.558   5.794   -13.415 1.00 35.08 ? 81  ARG A NH1 1 
ATOM   592 N NH2 . ARG A 1 82 ? 8.605   5.078   -15.600 1.00 32.73 ? 81  ARG A NH2 1 
ATOM   593 N N   . PRO A 1 83 ? 12.067  2.385   -9.813  1.00 19.71 ? 82  PRO A N   1 
ATOM   594 C CA  . PRO A 1 83 ? 13.390  2.849   -9.364  1.00 20.51 ? 82  PRO A CA  1 
ATOM   595 C C   . PRO A 1 83 ? 13.682  4.322   -9.634  1.00 20.96 ? 82  PRO A C   1 
ATOM   596 O O   . PRO A 1 83 ? 12.896  5.013   -10.279 1.00 21.95 ? 82  PRO A O   1 
ATOM   597 C CB  . PRO A 1 83 ? 14.356  1.974   -10.164 1.00 20.74 ? 82  PRO A CB  1 
ATOM   598 C CG  . PRO A 1 83 ? 13.615  1.605   -11.368 1.00 20.71 ? 82  PRO A CG  1 
ATOM   599 C CD  . PRO A 1 83 ? 12.179  1.433   -10.931 1.00 19.87 ? 82  PRO A CD  1 
HETATM 600 O O   . HOH B 2 .  ? -9.451  -3.272  3.525   1.00 5.49  ? 83  HOH A O   1 
HETATM 601 O O   . HOH B 2 .  ? -3.970  -5.770  -2.756  1.00 7.31  ? 84  HOH A O   1 
HETATM 602 O O   . HOH B 2 .  ? -13.382 1.663   -0.795  1.00 9.62  ? 85  HOH A O   1 
HETATM 603 O O   . HOH B 2 .  ? -3.551  -8.687  -6.178  1.00 8.22  ? 86  HOH A O   1 
HETATM 604 O O   . HOH B 2 .  ? -16.143 -1.856  1.134   1.00 9.39  ? 87  HOH A O   1 
HETATM 605 O O   . HOH B 2 .  ? 0.970   -19.886 3.546   1.00 10.20 ? 88  HOH A O   1 
HETATM 606 O O   . HOH B 2 .  ? -2.030  -7.963  -8.517  1.00 12.23 ? 89  HOH A O   1 
HETATM 607 O O   . HOH B 2 .  ? -11.410 -1.673  5.142   1.00 7.44  ? 90  HOH A O   1 
HETATM 608 O O   . HOH B 2 .  ? 6.601   -15.608 5.481   1.00 10.37 ? 91  HOH A O   1 
HETATM 609 O O   . HOH B 2 .  ? 3.989   -6.926  -5.444  1.00 12.90 ? 92  HOH A O   1 
HETATM 610 O O   . HOH B 2 .  ? -9.988  7.982   11.706  1.00 13.00 ? 93  HOH A O   1 
HETATM 611 O O   . HOH B 2 .  ? -12.836 8.725   3.660   1.00 14.89 ? 94  HOH A O   1 
HETATM 612 O O   . HOH B 2 .  ? -11.384 11.221  6.966   1.00 20.15 ? 95  HOH A O   1 
HETATM 613 O O   . HOH B 2 .  ? -13.184 -2.240  8.007   1.00 15.82 ? 96  HOH A O   1 
HETATM 614 O O   . HOH B 2 .  ? -9.862  -1.303  -6.434  1.00 11.04 ? 97  HOH A O   1 
HETATM 615 O O   . HOH B 2 .  ? -1.583  -13.959 6.716   1.00 15.06 ? 98  HOH A O   1 
HETATM 616 O O   . HOH B 2 .  ? -3.112  3.245   11.456  1.00 8.93  ? 99  HOH A O   1 
HETATM 617 O O   . HOH B 2 .  ? -2.605  7.668   -7.323  1.00 12.02 ? 100 HOH A O   1 
HETATM 618 O O   . HOH B 2 .  ? -9.990  -7.512  -5.948  1.00 19.80 ? 101 HOH A O   1 
HETATM 619 O O   . HOH B 2 .  ? -4.739  -7.446  -9.197  1.00 13.82 ? 102 HOH A O   1 
HETATM 620 O O   . HOH B 2 .  ? -4.933  -11.139 -5.399  1.00 20.56 ? 103 HOH A O   1 
HETATM 621 O O   . HOH B 2 .  ? 2.902   2.413   10.365  1.00 13.54 ? 104 HOH A O   1 
HETATM 622 O O   . HOH B 2 .  ? 3.716   -7.252  -8.048  1.00 11.44 ? 105 HOH A O   1 
HETATM 623 O O   . HOH B 2 .  ? -13.691 5.444   5.154   1.00 16.17 ? 106 HOH A O   1 
HETATM 624 O O   . HOH B 2 .  ? -6.551  -13.133 2.537   1.00 11.70 ? 107 HOH A O   1 
HETATM 625 O O   . HOH B 2 .  ? 3.394   -2.998  -14.473 1.00 12.05 ? 108 HOH A O   1 
HETATM 626 O O   . HOH B 2 .  ? -9.361  -3.946  -6.643  1.00 14.70 ? 109 HOH A O   1 
HETATM 627 O O   . HOH B 2 .  ? -9.270  -0.133  9.112   1.00 13.50 ? 110 HOH A O   1 
HETATM 628 O O   . HOH B 2 .  ? 6.982   -5.567  -10.801 1.00 18.45 ? 111 HOH A O   1 
HETATM 629 O O   . HOH B 2 .  ? 1.671   0.551   -12.497 1.00 19.22 ? 112 HOH A O   1 
HETATM 630 O O   . HOH B 2 .  ? -7.019  12.733  4.031   1.00 24.70 ? 113 HOH A O   1 
HETATM 631 O O   . HOH B 2 .  ? -15.291 -0.422  -1.162  1.00 15.89 ? 114 HOH A O   1 
HETATM 632 O O   . HOH B 2 .  ? 12.308  3.506   -5.546  1.00 15.05 ? 115 HOH A O   1 
HETATM 633 O O   . HOH B 2 .  ? -1.733  8.077   -4.920  1.00 18.20 ? 116 HOH A O   1 
HETATM 634 O O   . HOH B 2 .  ? 10.043  10.493  -3.746  1.00 14.71 ? 117 HOH A O   1 
HETATM 635 O O   . HOH B 2 .  ? 4.736   -10.253 1.020   1.00 18.29 ? 118 HOH A O   1 
HETATM 636 O O   . HOH B 2 .  ? 11.333  -1.899  1.759   1.00 16.62 ? 119 HOH A O   1 
HETATM 637 O O   . HOH B 2 .  ? -3.565  -13.640 -0.830  1.00 15.40 ? 120 HOH A O   1 
HETATM 638 O O   . HOH B 2 .  ? 2.442   -10.698 -3.393  1.00 26.32 ? 121 HOH A O   1 
HETATM 639 O O   . HOH B 2 .  ? -5.727  -5.319  -10.618 1.00 15.68 ? 122 HOH A O   1 
HETATM 640 O O   . HOH B 2 .  ? -5.020  -14.859 1.081   1.00 22.00 ? 123 HOH A O   1 
HETATM 641 O O   . HOH B 2 .  ? 6.470   6.128   5.480   1.00 21.19 ? 124 HOH A O   1 
HETATM 642 O O   . HOH B 2 .  ? 14.681  -1.857  -1.135  1.00 20.19 ? 125 HOH A O   1 
HETATM 643 O O   . HOH B 2 .  ? -3.184  9.964   11.480  1.00 21.06 ? 126 HOH A O   1 
HETATM 644 O O   . HOH B 2 .  ? 0.620   9.576   -10.574 1.00 22.51 ? 127 HOH A O   1 
HETATM 645 O O   . HOH B 2 .  ? -1.391  -12.149 -4.449  1.00 20.63 ? 128 HOH A O   1 
HETATM 646 O O   . HOH B 2 .  ? 0.189   12.715  1.205   1.00 22.32 ? 129 HOH A O   1 
HETATM 647 O O   . HOH B 2 .  ? 8.644   -0.790  8.432   1.00 22.71 ? 130 HOH A O   1 
HETATM 648 O O   . HOH B 2 .  ? 7.550   -5.556  6.976   1.00 28.67 ? 131 HOH A O   1 
HETATM 649 O O   . HOH B 2 .  ? -2.995  9.633   -8.989  1.00 29.01 ? 132 HOH A O   1 
HETATM 650 O O   . HOH B 2 .  ? -9.609  13.152  5.984   1.00 22.18 ? 133 HOH A O   1 
HETATM 651 O O   . HOH B 2 .  ? 14.225  5.580   -5.885  1.00 23.67 ? 134 HOH A O   1 
HETATM 652 O O   . HOH B 2 .  ? 5.379   5.251   -14.029 1.00 24.86 ? 135 HOH A O   1 
HETATM 653 O O   . HOH B 2 .  ? -11.230 -8.432  9.295   1.00 25.04 ? 136 HOH A O   1 
HETATM 654 O O   . HOH B 2 .  ? 6.763   -8.432  1.531   1.00 24.67 ? 137 HOH A O   1 
HETATM 655 O O   . HOH B 2 .  ? 3.417   -2.582  10.531  1.00 26.12 ? 138 HOH A O   1 
HETATM 656 O O   . HOH B 2 .  ? -3.185  10.175  6.905   1.00 19.32 ? 139 HOH A O   1 
HETATM 657 O O   . HOH B 2 .  ? 4.754   -10.540 -1.692  1.00 18.96 ? 140 HOH A O   1 
HETATM 658 O O   . HOH B 2 .  ? 4.898   -14.893 7.355   1.00 20.04 ? 141 HOH A O   1 
HETATM 659 O O   . HOH B 2 .  ? -4.621  12.415  7.915   1.00 25.65 ? 142 HOH A O   1 
HETATM 660 O O   . HOH B 2 .  ? -0.390  11.001  6.113   1.00 23.31 ? 143 HOH A O   1 
HETATM 661 O O   . HOH B 2 .  ? -1.121  10.573  -5.395  1.00 22.68 ? 144 HOH A O   1 
HETATM 662 O O   . HOH B 2 .  ? -8.997  -6.453  -8.289  1.00 20.44 ? 145 HOH A O   1 
HETATM 663 O O   . HOH B 2 .  ? 4.051   2.950   -13.776 1.00 26.76 ? 146 HOH A O   1 
HETATM 664 O O   . HOH B 2 .  ? -13.133 2.921   -3.758  1.00 28.28 ? 147 HOH A O   1 
HETATM 665 O O   . HOH B 2 .  ? 0.506   2.435   -11.447 1.00 22.34 ? 148 HOH A O   1 
HETATM 666 O O   . HOH B 2 .  ? -4.918  -7.093  10.398  1.00 24.48 ? 149 HOH A O   1 
HETATM 667 O O   . HOH B 2 .  ? 6.709   -6.994  -4.889  1.00 26.08 ? 150 HOH A O   1 
HETATM 668 O O   . HOH B 2 .  ? -9.228  -12.735 1.713   1.00 31.05 ? 151 HOH A O   1 
HETATM 669 O O   . HOH B 2 .  ? -9.958  -0.418  -12.119 1.00 28.16 ? 152 HOH A O   1 
HETATM 670 O O   . HOH B 2 .  ? 7.230   2.620   8.021   1.00 31.85 ? 153 HOH A O   1 
HETATM 671 O O   . HOH B 2 .  ? -0.698  6.796   10.877  1.00 25.85 ? 154 HOH A O   1 
HETATM 672 O O   . HOH B 2 .  ? -1.922  8.975   9.067   1.00 23.72 ? 155 HOH A O   1 
HETATM 673 O O   . HOH B 2 .  ? 10.501  -3.035  -7.662  1.00 32.68 ? 156 HOH A O   1 
HETATM 674 O O   . HOH B 2 .  ? -5.634  -8.229  7.977   1.00 25.18 ? 157 HOH A O   1 
HETATM 675 O O   . HOH B 2 .  ? -9.245  -2.040  7.194   1.00 17.59 ? 158 HOH A O   1 
HETATM 676 O O   . HOH B 2 .  ? -6.042  -13.829 -3.980  1.00 22.79 ? 159 HOH A O   1 
HETATM 677 O O   . HOH B 2 .  ? -13.522 -9.189  6.512   1.00 29.65 ? 160 HOH A O   1 
HETATM 678 O O   . HOH B 2 .  ? 10.012  6.359   5.839   1.00 25.00 ? 161 HOH A O   1 
HETATM 679 O O   . HOH B 2 .  ? -13.763 10.380  5.544   1.00 24.76 ? 162 HOH A O   1 
HETATM 680 O O   . HOH B 2 .  ? -12.184 -0.821  -7.531  1.00 28.33 ? 163 HOH A O   1 
HETATM 681 O O   . HOH B 2 .  ? 7.304   -9.000  -2.665  1.00 29.21 ? 164 HOH A O   1 
HETATM 682 O O   . HOH B 2 .  ? 8.901   -5.599  -4.930  1.00 25.38 ? 165 HOH A O   1 
HETATM 683 O O   . HOH B 2 .  ? 8.356   -12.576 1.671   1.00 28.19 ? 166 HOH A O   1 
HETATM 684 O O   . HOH B 2 .  ? 12.345  -6.108  7.623   1.00 35.71 ? 167 HOH A O   1 
HETATM 685 O O   . HOH B 2 .  ? -9.995  6.753   -8.925  1.00 46.38 ? 168 HOH A O   1 
HETATM 686 O O   . HOH B 2 .  ? 8.108   -2.787  -16.040 1.00 21.55 ? 169 HOH A O   1 
HETATM 687 O O   . HOH B 2 .  ? 9.364   13.757  3.109   1.00 29.01 ? 170 HOH A O   1 
HETATM 688 O O   . HOH B 2 .  ? 6.869   15.131  -5.599  1.00 46.60 ? 171 HOH A O   1 
HETATM 689 O O   . HOH B 2 .  ? -0.293  -6.140  14.256  1.00 24.98 ? 172 HOH A O   1 
HETATM 690 O O   . HOH B 2 .  ? -5.676  -12.320 8.175   1.00 43.32 ? 173 HOH A O   1 
HETATM 691 O O   . HOH B 2 .  ? -0.119  3.266   -13.720 1.00 36.15 ? 174 HOH A O   1 
HETATM 692 O O   . HOH B 2 .  ? 12.085  -0.743  -14.663 1.00 45.76 ? 175 HOH A O   1 
HETATM 693 O O   . HOH B 2 .  ? 8.381   8.087   8.100   1.00 40.33 ? 176 HOH A O   1 
HETATM 694 O O   . HOH B 2 .  ? 13.952  9.255   -7.667  1.00 42.35 ? 177 HOH A O   1 
HETATM 695 O O   . HOH B 2 .  ? -11.672 3.569   -5.559  1.00 29.49 ? 178 HOH A O   1 
HETATM 696 O O   . HOH B 2 .  ? -7.191  13.489  1.943   1.00 28.81 ? 179 HOH A O   1 
HETATM 697 O O   . HOH B 2 .  ? -9.806  1.857   -13.075 1.00 28.82 ? 180 HOH A O   1 
HETATM 698 O O   . HOH B 2 .  ? 1.812   12.753  -4.991  1.00 36.15 ? 181 HOH A O   1 
HETATM 699 O O   . HOH B 2 .  ? -10.471 11.078  11.797  1.00 29.47 ? 182 HOH A O   1 
HETATM 700 O O   . HOH B 2 .  ? -10.674 5.899   -11.262 1.00 37.30 ? 183 HOH A O   1 
HETATM 701 O O   . HOH B 2 .  ? -11.041 -0.672  7.428   1.00 25.51 ? 184 HOH A O   1 
HETATM 702 O O   . HOH B 2 .  ? 16.176  -0.256  -4.515  1.00 31.16 ? 185 HOH A O   1 
HETATM 703 O O   . HOH B 2 .  ? 14.897  0.964   -6.603  1.00 48.01 ? 186 HOH A O   1 
# 
loop_
_pdbx_poly_seq_scheme.asym_id 
_pdbx_poly_seq_scheme.entity_id 
_pdbx_poly_seq_scheme.seq_id 
_pdbx_poly_seq_scheme.mon_id 
_pdbx_poly_seq_scheme.ndb_seq_num 
_pdbx_poly_seq_scheme.pdb_seq_num 
_pdbx_poly_seq_scheme.auth_seq_num 
_pdbx_poly_seq_scheme.pdb_mon_id 
_pdbx_poly_seq_scheme.auth_mon_id 
_pdbx_poly_seq_scheme.pdb_strand_id 
_pdbx_poly_seq_scheme.pdb_ins_code 
_pdbx_poly_seq_scheme.hetero 
A 1 1  MET 1  0  ?  ?   ?   A . n 
A 1 2  ARG 2  1  ?  ?   ?   A . n 
A 1 3  GLU 3  2  ?  ?   ?   A . n 
A 1 4  VAL 4  3  3  VAL VAL A . n 
A 1 5  LYS 5  4  4  LYS LYS A . n 
A 1 6  GLU 6  5  5  GLU GLU A . n 
A 1 7  VAL 7  6  6  VAL VAL A . n 
A 1 8  ASP 8  7  7  ASP ASP A . n 
A 1 9  LEU 9  8  8  LEU LEU A . n 
A 1 10 ARG 10 9  9  ARG ARG A . n 
A 1 11 GLY 11 10 10 GLY GLY A . n 
A 1 12 LEU 12 11 11 LEU LEU A . n 
A 1 13 THR 13 12 12 THR THR A . n 
A 1 14 VAL 14 13 13 VAL VAL A . n 
A 1 15 ALA 15 14 14 ALA ALA A . n 
A 1 16 GLU 16 15 15 GLU GLU A . n 
A 1 17 ALA 17 16 16 ALA ALA A . n 
A 1 18 LEU 18 17 17 LEU LEU A . n 
A 1 19 LEU 19 18 18 LEU LEU A . n 
A 1 20 GLU 20 19 19 GLU GLU A . n 
A 1 21 VAL 21 20 20 VAL VAL A . n 
A 1 22 ASP 22 21 21 ASP ASP A . n 
A 1 23 GLN 23 22 22 GLN GLN A . n 
A 1 24 ALA 24 23 23 ALA ALA A . n 
A 1 25 LEU 25 24 24 LEU LEU A . n 
A 1 26 GLU 26 25 25 GLU GLU A . n 
A 1 27 GLU 27 26 26 GLU GLU A . n 
A 1 28 ALA 28 27 27 ALA ALA A . n 
A 1 29 ARG 29 28 28 ARG ARG A . n 
A 1 30 ALA 30 29 29 ALA ALA A . n 
A 1 31 LEU 31 30 30 LEU LEU A . n 
A 1 32 GLY 32 31 31 GLY GLY A . n 
A 1 33 LEU 33 32 32 LEU LEU A . n 
A 1 34 SER 34 33 33 SER SER A . n 
A 1 35 THR 35 34 34 THR THR A . n 
A 1 36 LEU 36 35 35 LEU LEU A . n 
A 1 37 ARG 37 36 36 ARG ARG A . n 
A 1 38 LEU 38 37 37 LEU LEU A . n 
A 1 39 LEU 39 38 38 LEU LEU A . n 
A 1 40 HIS 40 39 39 HIS HIS A . n 
A 1 41 GLY 41 40 40 GLY GLY A . n 
A 1 42 LYS 42 41 41 LYS LYS A . n 
A 1 43 GLY 43 42 42 GLY GLY A . n 
A 1 44 THR 44 43 43 THR THR A . n 
A 1 45 GLY 45 44 44 GLY GLY A . n 
A 1 46 ALA 46 45 45 ALA ALA A . n 
A 1 47 LEU 47 46 46 LEU LEU A . n 
A 1 48 ARG 48 47 47 ARG ARG A . n 
A 1 49 GLN 49 48 48 GLN GLN A . n 
A 1 50 ALA 50 49 49 ALA ALA A . n 
A 1 51 ILE 51 50 50 ILE ILE A . n 
A 1 52 ARG 52 51 51 ARG ARG A . n 
A 1 53 GLU 53 52 52 GLU GLU A . n 
A 1 54 ALA 54 53 53 ALA ALA A . n 
A 1 55 LEU 55 54 54 LEU LEU A . n 
A 1 56 ARG 56 55 55 ARG ARG A . n 
A 1 57 ARG 57 56 56 ARG ARG A . n 
A 1 58 ASP 58 57 57 ASP ASP A . n 
A 1 59 LYS 59 58 58 LYS LYS A . n 
A 1 60 ARG 60 59 59 ARG ARG A . n 
A 1 61 VAL 61 60 60 VAL VAL A . n 
A 1 62 GLU 62 61 61 GLU GLU A . n 
A 1 63 SER 63 62 62 SER SER A . n 
A 1 64 PHE 64 63 63 PHE PHE A . n 
A 1 65 ALA 65 64 64 ALA ALA A . n 
A 1 66 ASP 66 65 65 ASP ASP A . n 
A 1 67 ALA 67 66 66 ALA ALA A . n 
A 1 68 PRO 68 67 67 PRO PRO A . n 
A 1 69 PRO 69 68 68 PRO PRO A . n 
A 1 70 GLY 70 69 69 GLY GLY A . n 
A 1 71 GLU 71 70 70 GLU GLU A . n 
A 1 72 GLY 72 71 71 GLY GLY A . n 
A 1 73 GLY 73 72 72 GLY GLY A . n 
A 1 74 HIS 74 73 73 HIS HIS A . n 
A 1 75 GLY 75 74 74 GLY GLY A . n 
A 1 76 VAL 76 75 75 VAL VAL A . n 
A 1 77 THR 77 76 76 THR THR A . n 
A 1 78 VAL 78 77 77 VAL VAL A . n 
A 1 79 VAL 79 78 78 VAL VAL A . n 
A 1 80 ALA 80 79 79 ALA ALA A . n 
A 1 81 LEU 81 80 80 LEU LEU A . n 
A 1 82 ARG 82 81 81 ARG ARG A . n 
A 1 83 PRO 83 82 82 PRO PRO A . n 
# 
loop_
_pdbx_nonpoly_scheme.asym_id 
_pdbx_nonpoly_scheme.entity_id 
_pdbx_nonpoly_scheme.mon_id 
_pdbx_nonpoly_scheme.ndb_seq_num 
_pdbx_nonpoly_scheme.pdb_seq_num 
_pdbx_nonpoly_scheme.auth_seq_num 
_pdbx_nonpoly_scheme.pdb_mon_id 
_pdbx_nonpoly_scheme.auth_mon_id 
_pdbx_nonpoly_scheme.pdb_strand_id 
_pdbx_nonpoly_scheme.pdb_ins_code 
B 2 HOH 1   83  1   HOH HOH A . 
B 2 HOH 2   84  2   HOH HOH A . 
B 2 HOH 3   85  3   HOH HOH A . 
B 2 HOH 4   86  4   HOH HOH A . 
B 2 HOH 5   87  5   HOH HOH A . 
B 2 HOH 6   88  6   HOH HOH A . 
B 2 HOH 7   89  7   HOH HOH A . 
B 2 HOH 8   90  8   HOH HOH A . 
B 2 HOH 9   91  9   HOH HOH A . 
B 2 HOH 10  92  10  HOH HOH A . 
B 2 HOH 11  93  11  HOH HOH A . 
B 2 HOH 12  94  12  HOH HOH A . 
B 2 HOH 13  95  13  HOH HOH A . 
B 2 HOH 14  96  14  HOH HOH A . 
B 2 HOH 15  97  15  HOH HOH A . 
B 2 HOH 16  98  16  HOH HOH A . 
B 2 HOH 17  99  17  HOH HOH A . 
B 2 HOH 18  100 18  HOH HOH A . 
B 2 HOH 19  101 19  HOH HOH A . 
B 2 HOH 20  102 20  HOH HOH A . 
B 2 HOH 21  103 21  HOH HOH A . 
B 2 HOH 22  104 22  HOH HOH A . 
B 2 HOH 23  105 23  HOH HOH A . 
B 2 HOH 24  106 24  HOH HOH A . 
B 2 HOH 25  107 25  HOH HOH A . 
B 2 HOH 26  108 26  HOH HOH A . 
B 2 HOH 27  109 27  HOH HOH A . 
B 2 HOH 28  110 28  HOH HOH A . 
B 2 HOH 29  111 29  HOH HOH A . 
B 2 HOH 30  112 30  HOH HOH A . 
B 2 HOH 31  113 31  HOH HOH A . 
B 2 HOH 32  114 32  HOH HOH A . 
B 2 HOH 33  115 33  HOH HOH A . 
B 2 HOH 34  116 34  HOH HOH A . 
B 2 HOH 35  117 35  HOH HOH A . 
B 2 HOH 36  118 36  HOH HOH A . 
B 2 HOH 37  119 37  HOH HOH A . 
B 2 HOH 38  120 38  HOH HOH A . 
B 2 HOH 39  121 39  HOH HOH A . 
B 2 HOH 40  122 40  HOH HOH A . 
B 2 HOH 41  123 41  HOH HOH A . 
B 2 HOH 42  124 42  HOH HOH A . 
B 2 HOH 43  125 43  HOH HOH A . 
B 2 HOH 44  126 44  HOH HOH A . 
B 2 HOH 45  127 45  HOH HOH A . 
B 2 HOH 46  128 46  HOH HOH A . 
B 2 HOH 47  129 47  HOH HOH A . 
B 2 HOH 48  130 48  HOH HOH A . 
B 2 HOH 49  131 49  HOH HOH A . 
B 2 HOH 50  132 50  HOH HOH A . 
B 2 HOH 51  133 51  HOH HOH A . 
B 2 HOH 52  134 52  HOH HOH A . 
B 2 HOH 53  135 53  HOH HOH A . 
B 2 HOH 54  136 54  HOH HOH A . 
B 2 HOH 55  137 55  HOH HOH A . 
B 2 HOH 56  138 56  HOH HOH A . 
B 2 HOH 57  139 57  HOH HOH A . 
B 2 HOH 58  140 58  HOH HOH A . 
B 2 HOH 59  141 59  HOH HOH A . 
B 2 HOH 60  142 60  HOH HOH A . 
B 2 HOH 61  143 61  HOH HOH A . 
B 2 HOH 62  144 62  HOH HOH A . 
B 2 HOH 63  145 63  HOH HOH A . 
B 2 HOH 64  146 64  HOH HOH A . 
B 2 HOH 65  147 65  HOH HOH A . 
B 2 HOH 66  148 66  HOH HOH A . 
B 2 HOH 67  149 67  HOH HOH A . 
B 2 HOH 68  150 68  HOH HOH A . 
B 2 HOH 69  151 69  HOH HOH A . 
B 2 HOH 70  152 70  HOH HOH A . 
B 2 HOH 71  153 71  HOH HOH A . 
B 2 HOH 72  154 72  HOH HOH A . 
B 2 HOH 73  155 73  HOH HOH A . 
B 2 HOH 74  156 74  HOH HOH A . 
B 2 HOH 75  157 75  HOH HOH A . 
B 2 HOH 76  158 76  HOH HOH A . 
B 2 HOH 77  159 77  HOH HOH A . 
B 2 HOH 78  160 78  HOH HOH A . 
B 2 HOH 79  161 79  HOH HOH A . 
B 2 HOH 80  162 80  HOH HOH A . 
B 2 HOH 81  163 81  HOH HOH A . 
B 2 HOH 82  164 82  HOH HOH A . 
B 2 HOH 83  165 83  HOH HOH A . 
B 2 HOH 84  166 84  HOH HOH A . 
B 2 HOH 85  167 85  HOH HOH A . 
B 2 HOH 86  168 86  HOH HOH A . 
B 2 HOH 87  169 87  HOH HOH A . 
B 2 HOH 88  170 88  HOH HOH A . 
B 2 HOH 89  171 89  HOH HOH A . 
B 2 HOH 90  172 90  HOH HOH A . 
B 2 HOH 91  173 91  HOH HOH A . 
B 2 HOH 92  174 92  HOH HOH A . 
B 2 HOH 93  175 93  HOH HOH A . 
B 2 HOH 94  176 94  HOH HOH A . 
B 2 HOH 95  177 95  HOH HOH A . 
B 2 HOH 96  178 96  HOH HOH A . 
B 2 HOH 97  179 97  HOH HOH A . 
B 2 HOH 98  180 98  HOH HOH A . 
B 2 HOH 99  181 99  HOH HOH A . 
B 2 HOH 100 182 100 HOH HOH A . 
B 2 HOH 101 183 101 HOH HOH A . 
B 2 HOH 102 184 102 HOH HOH A . 
B 2 HOH 103 185 103 HOH HOH A . 
B 2 HOH 104 186 104 HOH HOH A . 
# 
_pdbx_struct_assembly.id                   1 
_pdbx_struct_assembly.details              author_and_software_defined_assembly 
_pdbx_struct_assembly.method_details       PISA 
_pdbx_struct_assembly.oligomeric_details   monomeric 
_pdbx_struct_assembly.oligomeric_count     1 
# 
_pdbx_struct_assembly_gen.assembly_id       1 
_pdbx_struct_assembly_gen.oper_expression   1 
_pdbx_struct_assembly_gen.asym_id_list      A,B 
# 
_pdbx_struct_oper_list.id                   1 
_pdbx_struct_oper_list.type                 'identity operation' 
_pdbx_struct_oper_list.name                 1_555 
_pdbx_struct_oper_list.symmetry_operation   x,y,z 
_pdbx_struct_oper_list.matrix[1][1]         1.0000000000 
_pdbx_struct_oper_list.matrix[1][2]         0.0000000000 
_pdbx_struct_oper_list.matrix[1][3]         0.0000000000 
_pdbx_struct_oper_list.vector[1]            0.0000000000 
_pdbx_struct_oper_list.matrix[2][1]         0.0000000000 
_pdbx_struct_oper_list.matrix[2][2]         1.0000000000 
_pdbx_struct_oper_list.matrix[2][3]         0.0000000000 
_pdbx_struct_oper_list.vector[2]            0.0000000000 
_pdbx_struct_oper_list.matrix[3][1]         0.0000000000 
_pdbx_struct_oper_list.matrix[3][2]         0.0000000000 
_pdbx_struct_oper_list.matrix[3][3]         1.0000000000 
_pdbx_struct_oper_list.vector[3]            0.0000000000 
# 
loop_
_pdbx_audit_revision_history.ordinal 
_pdbx_audit_revision_history.data_content_type 
_pdbx_audit_revision_history.major_revision 
_pdbx_audit_revision_history.minor_revision 
_pdbx_audit_revision_history.revision_date 
1 'Structure model' 1 0 2008-09-30 
2 'Structure model' 1 1 2011-07-13 
3 'Structure model' 1 2 2023-11-01 
# 
_pdbx_audit_revision_details.ordinal             1 
_pdbx_audit_revision_details.revision_ordinal    1 
_pdbx_audit_revision_details.data_content_type   'Structure model' 
_pdbx_audit_revision_details.provider            repository 
_pdbx_audit_revision_details.type                'Initial release' 
_pdbx_audit_revision_details.description         ? 
_pdbx_audit_revision_details.details             ? 
# 
loop_
_pdbx_audit_revision_group.ordinal 
_pdbx_audit_revision_group.revision_ordinal 
_pdbx_audit_revision_group.data_content_type 
_pdbx_audit_revision_group.group 
1 2 'Structure model' 'Source and taxonomy'       
2 2 'Structure model' 'Version format compliance' 
3 3 'Structure model' 'Data collection'           
4 3 'Structure model' 'Database references'       
5 3 'Structure model' 'Refinement description'    
# 
loop_
_pdbx_audit_revision_category.ordinal 
_pdbx_audit_revision_category.revision_ordinal 
_pdbx_audit_revision_category.data_content_type 
_pdbx_audit_revision_category.category 
1 3 'Structure model' chem_comp_atom                
2 3 'Structure model' chem_comp_bond                
3 3 'Structure model' database_2                    
4 3 'Structure model' pdbx_initial_refinement_model 
5 3 'Structure model' struct_ref_seq_dif            
# 
loop_
_pdbx_audit_revision_item.ordinal 
_pdbx_audit_revision_item.revision_ordinal 
_pdbx_audit_revision_item.data_content_type 
_pdbx_audit_revision_item.item 
1 3 'Structure model' '_database_2.pdbx_DOI'                
2 3 'Structure model' '_database_2.pdbx_database_accession' 
3 3 'Structure model' '_struct_ref_seq_dif.details'         
# 
loop_
_software.name 
_software.classification 
_software.version 
_software.citation_id 
_software.pdbx_ordinal 
REFMAC   refinement        5.2.0019 ? 1 
HKL-2000 'data collection' .        ? 2 
HKL-2000 'data reduction'  .        ? 3 
HKL-2000 'data scaling'    .        ? 4 
CNS      phasing           .        ? 5 
# 
_pdbx_validate_torsion.id              1 
_pdbx_validate_torsion.PDB_model_num   1 
_pdbx_validate_torsion.auth_comp_id    LYS 
_pdbx_validate_torsion.auth_asym_id    A 
_pdbx_validate_torsion.auth_seq_id     41 
_pdbx_validate_torsion.PDB_ins_code    ? 
_pdbx_validate_torsion.label_alt_id    ? 
_pdbx_validate_torsion.phi             -101.51 
_pdbx_validate_torsion.psi             -86.14 
# 
loop_
_pdbx_unobs_or_zero_occ_residues.id 
_pdbx_unobs_or_zero_occ_residues.PDB_model_num 
_pdbx_unobs_or_zero_occ_residues.polymer_flag 
_pdbx_unobs_or_zero_occ_residues.occupancy_flag 
_pdbx_unobs_or_zero_occ_residues.auth_asym_id 
_pdbx_unobs_or_zero_occ_residues.auth_comp_id 
_pdbx_unobs_or_zero_occ_residues.auth_seq_id 
_pdbx_unobs_or_zero_occ_residues.PDB_ins_code 
_pdbx_unobs_or_zero_occ_residues.label_asym_id 
_pdbx_unobs_or_zero_occ_residues.label_comp_id 
_pdbx_unobs_or_zero_occ_residues.label_seq_id 
1 1 Y 1 A MET 0 ? A MET 1 
2 1 Y 1 A ARG 1 ? A ARG 2 
3 1 Y 1 A GLU 2 ? A GLU 3 
# 
loop_
_chem_comp_atom.comp_id 
_chem_comp_atom.atom_id 
_chem_comp_atom.type_symbol 
_chem_comp_atom.pdbx_aromatic_flag 
_chem_comp_atom.pdbx_stereo_config 
_chem_comp_atom.pdbx_ordinal 
ALA N    N N N 1   
ALA CA   C N S 2   
ALA C    C N N 3   
ALA O    O N N 4   
ALA CB   C N N 5   
ALA OXT  O N N 6   
ALA H    H N N 7   
ALA H2   H N N 8   
ALA HA   H N N 9   
ALA HB1  H N N 10  
ALA HB2  H N N 11  
ALA HB3  H N N 12  
ALA HXT  H N N 13  
ARG N    N N N 14  
ARG CA   C N S 15  
ARG C    C N N 16  
ARG O    O N N 17  
ARG CB   C N N 18  
ARG CG   C N N 19  
ARG CD   C N N 20  
ARG NE   N N N 21  
ARG CZ   C N N 22  
ARG NH1  N N N 23  
ARG NH2  N N N 24  
ARG OXT  O N N 25  
ARG H    H N N 26  
ARG H2   H N N 27  
ARG HA   H N N 28  
ARG HB2  H N N 29  
ARG HB3  H N N 30  
ARG HG2  H N N 31  
ARG HG3  H N N 32  
ARG HD2  H N N 33  
ARG HD3  H N N 34  
ARG HE   H N N 35  
ARG HH11 H N N 36  
ARG HH12 H N N 37  
ARG HH21 H N N 38  
ARG HH22 H N N 39  
ARG HXT  H N N 40  
ASP N    N N N 41  
ASP CA   C N S 42  
ASP C    C N N 43  
ASP O    O N N 44  
ASP CB   C N N 45  
ASP CG   C N N 46  
ASP OD1  O N N 47  
ASP OD2  O N N 48  
ASP OXT  O N N 49  
ASP H    H N N 50  
ASP H2   H N N 51  
ASP HA   H N N 52  
ASP HB2  H N N 53  
ASP HB3  H N N 54  
ASP HD2  H N N 55  
ASP HXT  H N N 56  
GLN N    N N N 57  
GLN CA   C N S 58  
GLN C    C N N 59  
GLN O    O N N 60  
GLN CB   C N N 61  
GLN CG   C N N 62  
GLN CD   C N N 63  
GLN OE1  O N N 64  
GLN NE2  N N N 65  
GLN OXT  O N N 66  
GLN H    H N N 67  
GLN H2   H N N 68  
GLN HA   H N N 69  
GLN HB2  H N N 70  
GLN HB3  H N N 71  
GLN HG2  H N N 72  
GLN HG3  H N N 73  
GLN HE21 H N N 74  
GLN HE22 H N N 75  
GLN HXT  H N N 76  
GLU N    N N N 77  
GLU CA   C N S 78  
GLU C    C N N 79  
GLU O    O N N 80  
GLU CB   C N N 81  
GLU CG   C N N 82  
GLU CD   C N N 83  
GLU OE1  O N N 84  
GLU OE2  O N N 85  
GLU OXT  O N N 86  
GLU H    H N N 87  
GLU H2   H N N 88  
GLU HA   H N N 89  
GLU HB2  H N N 90  
GLU HB3  H N N 91  
GLU HG2  H N N 92  
GLU HG3  H N N 93  
GLU HE2  H N N 94  
GLU HXT  H N N 95  
GLY N    N N N 96  
GLY CA   C N N 97  
GLY C    C N N 98  
GLY O    O N N 99  
GLY OXT  O N N 100 
GLY H    H N N 101 
GLY H2   H N N 102 
GLY HA2  H N N 103 
GLY HA3  H N N 104 
GLY HXT  H N N 105 
HIS N    N N N 106 
HIS CA   C N S 107 
HIS C    C N N 108 
HIS O    O N N 109 
HIS CB   C N N 110 
HIS CG   C Y N 111 
HIS ND1  N Y N 112 
HIS CD2  C Y N 113 
HIS CE1  C Y N 114 
HIS NE2  N Y N 115 
HIS OXT  O N N 116 
HIS H    H N N 117 
HIS H2   H N N 118 
HIS HA   H N N 119 
HIS HB2  H N N 120 
HIS HB3  H N N 121 
HIS HD1  H N N 122 
HIS HD2  H N N 123 
HIS HE1  H N N 124 
HIS HE2  H N N 125 
HIS HXT  H N N 126 
HOH O    O N N 127 
HOH H1   H N N 128 
HOH H2   H N N 129 
ILE N    N N N 130 
ILE CA   C N S 131 
ILE C    C N N 132 
ILE O    O N N 133 
ILE CB   C N S 134 
ILE CG1  C N N 135 
ILE CG2  C N N 136 
ILE CD1  C N N 137 
ILE OXT  O N N 138 
ILE H    H N N 139 
ILE H2   H N N 140 
ILE HA   H N N 141 
ILE HB   H N N 142 
ILE HG12 H N N 143 
ILE HG13 H N N 144 
ILE HG21 H N N 145 
ILE HG22 H N N 146 
ILE HG23 H N N 147 
ILE HD11 H N N 148 
ILE HD12 H N N 149 
ILE HD13 H N N 150 
ILE HXT  H N N 151 
LEU N    N N N 152 
LEU CA   C N S 153 
LEU C    C N N 154 
LEU O    O N N 155 
LEU CB   C N N 156 
LEU CG   C N N 157 
LEU CD1  C N N 158 
LEU CD2  C N N 159 
LEU OXT  O N N 160 
LEU H    H N N 161 
LEU H2   H N N 162 
LEU HA   H N N 163 
LEU HB2  H N N 164 
LEU HB3  H N N 165 
LEU HG   H N N 166 
LEU HD11 H N N 167 
LEU HD12 H N N 168 
LEU HD13 H N N 169 
LEU HD21 H N N 170 
LEU HD22 H N N 171 
LEU HD23 H N N 172 
LEU HXT  H N N 173 
LYS N    N N N 174 
LYS CA   C N S 175 
LYS C    C N N 176 
LYS O    O N N 177 
LYS CB   C N N 178 
LYS CG   C N N 179 
LYS CD   C N N 180 
LYS CE   C N N 181 
LYS NZ   N N N 182 
LYS OXT  O N N 183 
LYS H    H N N 184 
LYS H2   H N N 185 
LYS HA   H N N 186 
LYS HB2  H N N 187 
LYS HB3  H N N 188 
LYS HG2  H N N 189 
LYS HG3  H N N 190 
LYS HD2  H N N 191 
LYS HD3  H N N 192 
LYS HE2  H N N 193 
LYS HE3  H N N 194 
LYS HZ1  H N N 195 
LYS HZ2  H N N 196 
LYS HZ3  H N N 197 
LYS HXT  H N N 198 
MET N    N N N 199 
MET CA   C N S 200 
MET C    C N N 201 
MET O    O N N 202 
MET CB   C N N 203 
MET CG   C N N 204 
MET SD   S N N 205 
MET CE   C N N 206 
MET OXT  O N N 207 
MET H    H N N 208 
MET H2   H N N 209 
MET HA   H N N 210 
MET HB2  H N N 211 
MET HB3  H N N 212 
MET HG2  H N N 213 
MET HG3  H N N 214 
MET HE1  H N N 215 
MET HE2  H N N 216 
MET HE3  H N N 217 
MET HXT  H N N 218 
PHE N    N N N 219 
PHE CA   C N S 220 
PHE C    C N N 221 
PHE O    O N N 222 
PHE CB   C N N 223 
PHE CG   C Y N 224 
PHE CD1  C Y N 225 
PHE CD2  C Y N 226 
PHE CE1  C Y N 227 
PHE CE2  C Y N 228 
PHE CZ   C Y N 229 
PHE OXT  O N N 230 
PHE H    H N N 231 
PHE H2   H N N 232 
PHE HA   H N N 233 
PHE HB2  H N N 234 
PHE HB3  H N N 235 
PHE HD1  H N N 236 
PHE HD2  H N N 237 
PHE HE1  H N N 238 
PHE HE2  H N N 239 
PHE HZ   H N N 240 
PHE HXT  H N N 241 
PRO N    N N N 242 
PRO CA   C N S 243 
PRO C    C N N 244 
PRO O    O N N 245 
PRO CB   C N N 246 
PRO CG   C N N 247 
PRO CD   C N N 248 
PRO OXT  O N N 249 
PRO H    H N N 250 
PRO HA   H N N 251 
PRO HB2  H N N 252 
PRO HB3  H N N 253 
PRO HG2  H N N 254 
PRO HG3  H N N 255 
PRO HD2  H N N 256 
PRO HD3  H N N 257 
PRO HXT  H N N 258 
SER N    N N N 259 
SER CA   C N S 260 
SER C    C N N 261 
SER O    O N N 262 
SER CB   C N N 263 
SER OG   O N N 264 
SER OXT  O N N 265 
SER H    H N N 266 
SER H2   H N N 267 
SER HA   H N N 268 
SER HB2  H N N 269 
SER HB3  H N N 270 
SER HG   H N N 271 
SER HXT  H N N 272 
THR N    N N N 273 
THR CA   C N S 274 
THR C    C N N 275 
THR O    O N N 276 
THR CB   C N R 277 
THR OG1  O N N 278 
THR CG2  C N N 279 
THR OXT  O N N 280 
THR H    H N N 281 
THR H2   H N N 282 
THR HA   H N N 283 
THR HB   H N N 284 
THR HG1  H N N 285 
THR HG21 H N N 286 
THR HG22 H N N 287 
THR HG23 H N N 288 
THR HXT  H N N 289 
VAL N    N N N 290 
VAL CA   C N S 291 
VAL C    C N N 292 
VAL O    O N N 293 
VAL CB   C N N 294 
VAL CG1  C N N 295 
VAL CG2  C N N 296 
VAL OXT  O N N 297 
VAL H    H N N 298 
VAL H2   H N N 299 
VAL HA   H N N 300 
VAL HB   H N N 301 
VAL HG11 H N N 302 
VAL HG12 H N N 303 
VAL HG13 H N N 304 
VAL HG21 H N N 305 
VAL HG22 H N N 306 
VAL HG23 H N N 307 
VAL HXT  H N N 308 
# 
loop_
_chem_comp_bond.comp_id 
_chem_comp_bond.atom_id_1 
_chem_comp_bond.atom_id_2 
_chem_comp_bond.value_order 
_chem_comp_bond.pdbx_aromatic_flag 
_chem_comp_bond.pdbx_stereo_config 
_chem_comp_bond.pdbx_ordinal 
ALA N   CA   sing N N 1   
ALA N   H    sing N N 2   
ALA N   H2   sing N N 3   
ALA CA  C    sing N N 4   
ALA CA  CB   sing N N 5   
ALA CA  HA   sing N N 6   
ALA C   O    doub N N 7   
ALA C   OXT  sing N N 8   
ALA CB  HB1  sing N N 9   
ALA CB  HB2  sing N N 10  
ALA CB  HB3  sing N N 11  
ALA OXT HXT  sing N N 12  
ARG N   CA   sing N N 13  
ARG N   H    sing N N 14  
ARG N   H2   sing N N 15  
ARG CA  C    sing N N 16  
ARG CA  CB   sing N N 17  
ARG CA  HA   sing N N 18  
ARG C   O    doub N N 19  
ARG C   OXT  sing N N 20  
ARG CB  CG   sing N N 21  
ARG CB  HB2  sing N N 22  
ARG CB  HB3  sing N N 23  
ARG CG  CD   sing N N 24  
ARG CG  HG2  sing N N 25  
ARG CG  HG3  sing N N 26  
ARG CD  NE   sing N N 27  
ARG CD  HD2  sing N N 28  
ARG CD  HD3  sing N N 29  
ARG NE  CZ   sing N N 30  
ARG NE  HE   sing N N 31  
ARG CZ  NH1  sing N N 32  
ARG CZ  NH2  doub N N 33  
ARG NH1 HH11 sing N N 34  
ARG NH1 HH12 sing N N 35  
ARG NH2 HH21 sing N N 36  
ARG NH2 HH22 sing N N 37  
ARG OXT HXT  sing N N 38  
ASP N   CA   sing N N 39  
ASP N   H    sing N N 40  
ASP N   H2   sing N N 41  
ASP CA  C    sing N N 42  
ASP CA  CB   sing N N 43  
ASP CA  HA   sing N N 44  
ASP C   O    doub N N 45  
ASP C   OXT  sing N N 46  
ASP CB  CG   sing N N 47  
ASP CB  HB2  sing N N 48  
ASP CB  HB3  sing N N 49  
ASP CG  OD1  doub N N 50  
ASP CG  OD2  sing N N 51  
ASP OD2 HD2  sing N N 52  
ASP OXT HXT  sing N N 53  
GLN N   CA   sing N N 54  
GLN N   H    sing N N 55  
GLN N   H2   sing N N 56  
GLN CA  C    sing N N 57  
GLN CA  CB   sing N N 58  
GLN CA  HA   sing N N 59  
GLN C   O    doub N N 60  
GLN C   OXT  sing N N 61  
GLN CB  CG   sing N N 62  
GLN CB  HB2  sing N N 63  
GLN CB  HB3  sing N N 64  
GLN CG  CD   sing N N 65  
GLN CG  HG2  sing N N 66  
GLN CG  HG3  sing N N 67  
GLN CD  OE1  doub N N 68  
GLN CD  NE2  sing N N 69  
GLN NE2 HE21 sing N N 70  
GLN NE2 HE22 sing N N 71  
GLN OXT HXT  sing N N 72  
GLU N   CA   sing N N 73  
GLU N   H    sing N N 74  
GLU N   H2   sing N N 75  
GLU CA  C    sing N N 76  
GLU CA  CB   sing N N 77  
GLU CA  HA   sing N N 78  
GLU C   O    doub N N 79  
GLU C   OXT  sing N N 80  
GLU CB  CG   sing N N 81  
GLU CB  HB2  sing N N 82  
GLU CB  HB3  sing N N 83  
GLU CG  CD   sing N N 84  
GLU CG  HG2  sing N N 85  
GLU CG  HG3  sing N N 86  
GLU CD  OE1  doub N N 87  
GLU CD  OE2  sing N N 88  
GLU OE2 HE2  sing N N 89  
GLU OXT HXT  sing N N 90  
GLY N   CA   sing N N 91  
GLY N   H    sing N N 92  
GLY N   H2   sing N N 93  
GLY CA  C    sing N N 94  
GLY CA  HA2  sing N N 95  
GLY CA  HA3  sing N N 96  
GLY C   O    doub N N 97  
GLY C   OXT  sing N N 98  
GLY OXT HXT  sing N N 99  
HIS N   CA   sing N N 100 
HIS N   H    sing N N 101 
HIS N   H2   sing N N 102 
HIS CA  C    sing N N 103 
HIS CA  CB   sing N N 104 
HIS CA  HA   sing N N 105 
HIS C   O    doub N N 106 
HIS C   OXT  sing N N 107 
HIS CB  CG   sing N N 108 
HIS CB  HB2  sing N N 109 
HIS CB  HB3  sing N N 110 
HIS CG  ND1  sing Y N 111 
HIS CG  CD2  doub Y N 112 
HIS ND1 CE1  doub Y N 113 
HIS ND1 HD1  sing N N 114 
HIS CD2 NE2  sing Y N 115 
HIS CD2 HD2  sing N N 116 
HIS CE1 NE2  sing Y N 117 
HIS CE1 HE1  sing N N 118 
HIS NE2 HE2  sing N N 119 
HIS OXT HXT  sing N N 120 
HOH O   H1   sing N N 121 
HOH O   H2   sing N N 122 
ILE N   CA   sing N N 123 
ILE N   H    sing N N 124 
ILE N   H2   sing N N 125 
ILE CA  C    sing N N 126 
ILE CA  CB   sing N N 127 
ILE CA  HA   sing N N 128 
ILE C   O    doub N N 129 
ILE C   OXT  sing N N 130 
ILE CB  CG1  sing N N 131 
ILE CB  CG2  sing N N 132 
ILE CB  HB   sing N N 133 
ILE CG1 CD1  sing N N 134 
ILE CG1 HG12 sing N N 135 
ILE CG1 HG13 sing N N 136 
ILE CG2 HG21 sing N N 137 
ILE CG2 HG22 sing N N 138 
ILE CG2 HG23 sing N N 139 
ILE CD1 HD11 sing N N 140 
ILE CD1 HD12 sing N N 141 
ILE CD1 HD13 sing N N 142 
ILE OXT HXT  sing N N 143 
LEU N   CA   sing N N 144 
LEU N   H    sing N N 145 
LEU N   H2   sing N N 146 
LEU CA  C    sing N N 147 
LEU CA  CB   sing N N 148 
LEU CA  HA   sing N N 149 
LEU C   O    doub N N 150 
LEU C   OXT  sing N N 151 
LEU CB  CG   sing N N 152 
LEU CB  HB2  sing N N 153 
LEU CB  HB3  sing N N 154 
LEU CG  CD1  sing N N 155 
LEU CG  CD2  sing N N 156 
LEU CG  HG   sing N N 157 
LEU CD1 HD11 sing N N 158 
LEU CD1 HD12 sing N N 159 
LEU CD1 HD13 sing N N 160 
LEU CD2 HD21 sing N N 161 
LEU CD2 HD22 sing N N 162 
LEU CD2 HD23 sing N N 163 
LEU OXT HXT  sing N N 164 
LYS N   CA   sing N N 165 
LYS N   H    sing N N 166 
LYS N   H2   sing N N 167 
LYS CA  C    sing N N 168 
LYS CA  CB   sing N N 169 
LYS CA  HA   sing N N 170 
LYS C   O    doub N N 171 
LYS C   OXT  sing N N 172 
LYS CB  CG   sing N N 173 
LYS CB  HB2  sing N N 174 
LYS CB  HB3  sing N N 175 
LYS CG  CD   sing N N 176 
LYS CG  HG2  sing N N 177 
LYS CG  HG3  sing N N 178 
LYS CD  CE   sing N N 179 
LYS CD  HD2  sing N N 180 
LYS CD  HD3  sing N N 181 
LYS CE  NZ   sing N N 182 
LYS CE  HE2  sing N N 183 
LYS CE  HE3  sing N N 184 
LYS NZ  HZ1  sing N N 185 
LYS NZ  HZ2  sing N N 186 
LYS NZ  HZ3  sing N N 187 
LYS OXT HXT  sing N N 188 
MET N   CA   sing N N 189 
MET N   H    sing N N 190 
MET N   H2   sing N N 191 
MET CA  C    sing N N 192 
MET CA  CB   sing N N 193 
MET CA  HA   sing N N 194 
MET C   O    doub N N 195 
MET C   OXT  sing N N 196 
MET CB  CG   sing N N 197 
MET CB  HB2  sing N N 198 
MET CB  HB3  sing N N 199 
MET CG  SD   sing N N 200 
MET CG  HG2  sing N N 201 
MET CG  HG3  sing N N 202 
MET SD  CE   sing N N 203 
MET CE  HE1  sing N N 204 
MET CE  HE2  sing N N 205 
MET CE  HE3  sing N N 206 
MET OXT HXT  sing N N 207 
PHE N   CA   sing N N 208 
PHE N   H    sing N N 209 
PHE N   H2   sing N N 210 
PHE CA  C    sing N N 211 
PHE CA  CB   sing N N 212 
PHE CA  HA   sing N N 213 
PHE C   O    doub N N 214 
PHE C   OXT  sing N N 215 
PHE CB  CG   sing N N 216 
PHE CB  HB2  sing N N 217 
PHE CB  HB3  sing N N 218 
PHE CG  CD1  doub Y N 219 
PHE CG  CD2  sing Y N 220 
PHE CD1 CE1  sing Y N 221 
PHE CD1 HD1  sing N N 222 
PHE CD2 CE2  doub Y N 223 
PHE CD2 HD2  sing N N 224 
PHE CE1 CZ   doub Y N 225 
PHE CE1 HE1  sing N N 226 
PHE CE2 CZ   sing Y N 227 
PHE CE2 HE2  sing N N 228 
PHE CZ  HZ   sing N N 229 
PHE OXT HXT  sing N N 230 
PRO N   CA   sing N N 231 
PRO N   CD   sing N N 232 
PRO N   H    sing N N 233 
PRO CA  C    sing N N 234 
PRO CA  CB   sing N N 235 
PRO CA  HA   sing N N 236 
PRO C   O    doub N N 237 
PRO C   OXT  sing N N 238 
PRO CB  CG   sing N N 239 
PRO CB  HB2  sing N N 240 
PRO CB  HB3  sing N N 241 
PRO CG  CD   sing N N 242 
PRO CG  HG2  sing N N 243 
PRO CG  HG3  sing N N 244 
PRO CD  HD2  sing N N 245 
PRO CD  HD3  sing N N 246 
PRO OXT HXT  sing N N 247 
SER N   CA   sing N N 248 
SER N   H    sing N N 249 
SER N   H2   sing N N 250 
SER CA  C    sing N N 251 
SER CA  CB   sing N N 252 
SER CA  HA   sing N N 253 
SER C   O    doub N N 254 
SER C   OXT  sing N N 255 
SER CB  OG   sing N N 256 
SER CB  HB2  sing N N 257 
SER CB  HB3  sing N N 258 
SER OG  HG   sing N N 259 
SER OXT HXT  sing N N 260 
THR N   CA   sing N N 261 
THR N   H    sing N N 262 
THR N   H2   sing N N 263 
THR CA  C    sing N N 264 
THR CA  CB   sing N N 265 
THR CA  HA   sing N N 266 
THR C   O    doub N N 267 
THR C   OXT  sing N N 268 
THR CB  OG1  sing N N 269 
THR CB  CG2  sing N N 270 
THR CB  HB   sing N N 271 
THR OG1 HG1  sing N N 272 
THR CG2 HG21 sing N N 273 
THR CG2 HG22 sing N N 274 
THR CG2 HG23 sing N N 275 
THR OXT HXT  sing N N 276 
VAL N   CA   sing N N 277 
VAL N   H    sing N N 278 
VAL N   H2   sing N N 279 
VAL CA  C    sing N N 280 
VAL CA  CB   sing N N 281 
VAL CA  HA   sing N N 282 
VAL C   O    doub N N 283 
VAL C   OXT  sing N N 284 
VAL CB  CG1  sing N N 285 
VAL CB  CG2  sing N N 286 
VAL CB  HB   sing N N 287 
VAL CG1 HG11 sing N N 288 
VAL CG1 HG12 sing N N 289 
VAL CG1 HG13 sing N N 290 
VAL CG2 HG21 sing N N 291 
VAL CG2 HG22 sing N N 292 
VAL CG2 HG23 sing N N 293 
VAL OXT HXT  sing N N 294 
# 
_pdbx_entity_nonpoly.entity_id   2 
_pdbx_entity_nonpoly.name        water 
_pdbx_entity_nonpoly.comp_id     HOH 
# 
_pdbx_initial_refinement_model.id               1 
_pdbx_initial_refinement_model.entity_id_list   ? 
_pdbx_initial_refinement_model.type             'experimental model' 
_pdbx_initial_refinement_model.source_name      PDB 
_pdbx_initial_refinement_model.accession_code   2D9I 
_pdbx_initial_refinement_model.details          'PDB ENTRY 2d9i' 
# 
